data_3IQM
#
_entry.id   3IQM
#
_cell.length_a   130.136
_cell.length_b   130.136
_cell.length_c   153.948
_cell.angle_alpha   90.00
_cell.angle_beta   90.00
_cell.angle_gamma   120.00
#
_symmetry.space_group_name_H-M   'P 31 1 2'
#
loop_
_entity.id
_entity.type
_entity.pdbx_description
1 polymer 'Protein translocase subunit secA'
2 non-polymer 'SULFATE ION'
3 water water
#
_entity_poly.entity_id   1
_entity_poly.type   'polypeptide(L)'
_entity_poly.pdbx_seq_one_letter_code
;MLGILNKMFDPTKRTLNRYEKIANDIDAIRGDYENLSDDALKHKTIEFKERLEKGATTDDLLVEAFAVVREASRRVTGMF
PFKVQLMGGVALHDGNIAEMKTGEGKTLTSTLPVYLNALTGKGVHVVTVNEYLASRDAEQMGKIFEFLGLTVGLNLNSMS
KDEKREAYAADITYSTNNELGFDYLRDNMVLYKEQMVQRPLHFAVIDQVDSILIDEARTPLIISGQAAKSTKLYVQANAF
VRTLKAEKDYTYDIKTKAVQLTEEGMTKAEKAFGIDNLFDVKHVALNHHINQALKAHVAMQKDVDYVVEDGQVVIVDSFT
GRLMKGRRYSEGLHQAIEAKEGLEIQNESMTLATITFQNYFRMYEKLAGMTGTAKTEEEEFRNIYNMQVVTIPTNRPVVR
DDRPDLIYRTMEGKFKAVAEDVAQRYMTGQPVLVGTVAVETSELISKLLKNKGIPHQVLNAKNHEREAQIIEEAGQKGAV
TIATNMAGRGTDIKLGEGVKELGGLAVVGTERHESRRIDNQLRGRSGRQGDPGITQFYLSMEDELMRRFGAERTMAMLDR
FGMDDSTPIQSKMVSRAVESSQKRVEGNNFDSRKQLLQYDDVLRQQREVIYKQRFEVIDSENLREIVENMIKSSLERAIA
AYTPREELPEEWKLDGLVDLINTTYLDEGALEKSDIFGKEPDEMLELIMDRIITKYNEKEEQFGKEQMREFEKVIVLRAV
DSKWMDHIDAMDQLRQGIHLRAYAQTNPLREYQMEGFAMFEHMIESIEDEVAKFVMKAEIENNLEREEVVQGQTTAHQPQ
EG
;
_entity_poly.pdbx_strand_id   A
#
loop_
_chem_comp.id
_chem_comp.type
_chem_comp.name
_chem_comp.formula
SO4 non-polymer 'SULFATE ION' 'O4 S -2'
#
# COMPACT_ATOMS: atom_id res chain seq x y z
N MET A 1 34.37 -15.53 -4.20
CA MET A 1 34.75 -15.98 -5.58
C MET A 1 36.10 -15.37 -5.96
N LEU A 2 37.18 -16.03 -5.54
CA LEU A 2 38.53 -15.57 -5.83
C LEU A 2 38.74 -15.27 -7.33
N GLY A 3 39.53 -14.23 -7.62
CA GLY A 3 39.79 -13.83 -8.99
C GLY A 3 39.53 -12.35 -9.21
N ILE A 4 39.80 -11.87 -10.43
CA ILE A 4 39.59 -10.48 -10.79
C ILE A 4 38.16 -10.04 -10.56
N LEU A 5 37.25 -10.98 -10.76
CA LEU A 5 35.84 -10.69 -10.59
C LEU A 5 35.43 -10.79 -9.12
N ASN A 6 36.29 -10.27 -8.24
CA ASN A 6 36.00 -10.30 -6.81
C ASN A 6 35.58 -8.94 -6.25
N LYS A 7 35.78 -7.88 -7.04
CA LYS A 7 35.44 -6.52 -6.62
C LYS A 7 33.92 -6.31 -6.47
N MET A 8 33.15 -7.34 -6.78
CA MET A 8 31.70 -7.26 -6.67
C MET A 8 31.25 -7.59 -5.23
N PHE A 9 31.99 -8.47 -4.56
CA PHE A 9 31.70 -8.86 -3.17
C PHE A 9 32.28 -7.84 -2.18
N ASP A 10 32.92 -6.80 -2.70
CA ASP A 10 33.52 -5.76 -1.88
C ASP A 10 32.53 -4.84 -1.14
N PRO A 11 31.44 -4.40 -1.82
CA PRO A 11 30.44 -3.53 -1.18
C PRO A 11 29.82 -4.14 0.09
N THR A 12 29.77 -5.47 0.14
CA THR A 12 29.19 -6.21 1.26
C THR A 12 30.28 -6.75 2.20
N LYS A 13 31.51 -6.86 1.70
CA LYS A 13 32.61 -7.38 2.52
C LYS A 13 32.92 -6.49 3.73
N ARG A 14 33.21 -5.22 3.48
CA ARG A 14 33.51 -4.30 4.57
C ARG A 14 32.33 -4.23 5.54
N THR A 15 31.13 -4.53 5.03
CA THR A 15 29.93 -4.50 5.86
C THR A 15 29.82 -5.75 6.71
N LEU A 16 30.30 -6.87 6.19
CA LEU A 16 30.26 -8.11 6.93
C LEU A 16 31.43 -8.18 7.91
N ASN A 17 32.54 -7.52 7.58
CA ASN A 17 33.70 -7.49 8.47
C ASN A 17 33.28 -6.72 9.72
N ARG A 18 32.39 -5.75 9.52
CA ARG A 18 31.86 -4.90 10.57
C ARG A 18 30.93 -5.69 11.48
N TYR A 19 29.74 -6.01 10.97
CA TYR A 19 28.76 -6.78 11.72
C TYR A 19 29.35 -7.97 12.45
N GLU A 20 30.33 -8.61 11.85
CA GLU A 20 30.91 -9.76 12.53
C GLU A 20 31.63 -9.28 13.77
N LYS A 21 32.26 -8.10 13.69
CA LYS A 21 32.96 -7.54 14.83
C LYS A 21 31.94 -7.12 15.90
N ILE A 22 30.98 -6.28 15.52
CA ILE A 22 29.95 -5.84 16.45
C ILE A 22 29.50 -7.03 17.26
N ALA A 23 29.18 -8.13 16.58
CA ALA A 23 28.73 -9.33 17.28
C ALA A 23 29.75 -9.79 18.30
N ASN A 24 31.04 -9.54 18.04
CA ASN A 24 32.08 -9.95 18.98
C ASN A 24 32.09 -9.08 20.23
N ASP A 25 31.71 -7.82 20.08
CA ASP A 25 31.65 -6.91 21.22
C ASP A 25 30.54 -7.34 22.15
N ILE A 26 29.43 -7.82 21.59
CA ILE A 26 28.34 -8.29 22.44
C ILE A 26 28.78 -9.52 23.21
N ASP A 27 29.35 -10.50 22.51
CA ASP A 27 29.79 -11.71 23.21
C ASP A 27 30.99 -11.39 24.08
N ALA A 28 31.58 -10.22 23.86
CA ALA A 28 32.72 -9.78 24.66
C ALA A 28 32.26 -9.32 26.04
N ILE A 29 31.06 -8.76 26.12
CA ILE A 29 30.57 -8.28 27.40
C ILE A 29 29.45 -9.15 27.97
N ARG A 30 29.54 -10.45 27.69
CA ARG A 30 28.53 -11.40 28.15
C ARG A 30 28.60 -11.68 29.64
N GLY A 31 29.49 -10.99 30.33
CA GLY A 31 29.62 -11.19 31.76
C GLY A 31 28.77 -10.19 32.52
N ASP A 32 28.73 -8.96 32.03
CA ASP A 32 27.97 -7.89 32.67
C ASP A 32 26.54 -8.23 32.97
N TYR A 33 26.06 -9.34 32.44
CA TYR A 33 24.68 -9.74 32.66
C TYR A 33 24.60 -11.21 32.96
N GLU A 34 25.69 -11.94 32.76
CA GLU A 34 25.71 -13.38 32.98
C GLU A 34 25.10 -13.77 34.32
N ASN A 35 25.62 -13.20 35.41
CA ASN A 35 25.15 -13.45 36.79
C ASN A 35 24.68 -12.11 37.36
N LEU A 36 23.42 -11.78 37.13
CA LEU A 36 22.86 -10.51 37.54
C LEU A 36 21.38 -10.71 37.79
N SER A 37 20.83 -10.19 38.88
CA SER A 37 19.39 -10.40 39.15
C SER A 37 18.44 -9.91 38.04
N ASP A 38 17.31 -10.62 37.89
CA ASP A 38 16.28 -10.27 36.88
C ASP A 38 15.90 -8.79 37.00
N ASP A 39 15.75 -8.34 38.24
CA ASP A 39 15.38 -6.95 38.53
C ASP A 39 16.32 -5.96 37.84
N ALA A 40 17.62 -6.04 38.15
CA ALA A 40 18.60 -5.12 37.56
C ALA A 40 18.62 -5.19 36.04
N LEU A 41 18.48 -6.42 35.53
CA LEU A 41 18.46 -6.64 34.09
C LEU A 41 17.26 -5.84 33.57
N LYS A 42 16.07 -6.23 33.99
CA LYS A 42 14.84 -5.55 33.57
C LYS A 42 14.99 -4.05 33.71
N HIS A 43 15.80 -3.63 34.67
CA HIS A 43 15.98 -2.22 34.86
C HIS A 43 16.94 -1.66 33.82
N LYS A 44 17.78 -2.52 33.25
CA LYS A 44 18.72 -2.03 32.24
C LYS A 44 17.97 -1.33 31.11
N THR A 45 16.75 -1.78 30.81
CA THR A 45 15.90 -1.19 29.76
C THR A 45 15.70 0.31 29.98
N ILE A 46 15.51 0.69 31.25
CA ILE A 46 15.31 2.08 31.62
C ILE A 46 16.62 2.86 31.60
N GLU A 47 17.69 2.24 32.10
CA GLU A 47 19.00 2.89 32.12
C GLU A 47 19.29 3.37 30.72
N PHE A 48 18.82 2.56 29.76
CA PHE A 48 18.97 2.82 28.34
C PHE A 48 18.12 4.05 27.97
N LYS A 49 16.81 3.97 28.22
CA LYS A 49 15.90 5.07 27.89
C LYS A 49 16.46 6.37 28.42
N GLU A 50 16.92 6.32 29.67
CA GLU A 50 17.51 7.47 30.36
C GLU A 50 18.71 7.98 29.58
N ARG A 51 19.54 7.08 29.06
CA ARG A 51 20.70 7.52 28.31
C ARG A 51 20.31 8.14 27.00
N LEU A 52 19.19 7.72 26.43
CA LEU A 52 18.84 8.28 25.14
C LEU A 52 18.57 9.77 25.10
N GLU A 53 17.52 10.22 25.78
CA GLU A 53 17.23 11.67 25.72
C GLU A 53 18.32 12.47 26.43
N LYS A 54 19.36 11.77 26.88
CA LYS A 54 20.51 12.41 27.56
C LYS A 54 21.70 12.57 26.61
N GLY A 55 21.44 12.44 25.31
CA GLY A 55 22.49 12.60 24.31
C GLY A 55 22.84 11.41 23.44
N ALA A 56 22.81 10.21 24.02
CA ALA A 56 23.17 9.00 23.29
C ALA A 56 22.22 8.67 22.14
N THR A 57 22.81 8.13 21.07
CA THR A 57 22.05 7.73 19.89
C THR A 57 21.76 6.23 19.98
N THR A 58 20.72 5.80 19.29
CA THR A 58 20.33 4.40 19.32
C THR A 58 21.50 3.48 19.10
N ASP A 59 22.41 3.91 18.23
CA ASP A 59 23.57 3.13 17.91
C ASP A 59 24.48 3.00 19.10
N ASP A 60 24.63 4.10 19.82
CA ASP A 60 25.50 4.13 20.99
C ASP A 60 25.18 3.03 21.99
N LEU A 61 23.93 2.58 22.03
CA LEU A 61 23.56 1.54 22.97
C LEU A 61 23.43 0.13 22.36
N LEU A 62 23.69 0.03 21.06
CA LEU A 62 23.54 -1.24 20.35
C LEU A 62 24.18 -2.44 21.02
N VAL A 63 25.50 -2.39 21.16
CA VAL A 63 26.25 -3.49 21.78
C VAL A 63 25.61 -3.98 23.08
N GLU A 64 25.35 -3.04 24.00
CA GLU A 64 24.75 -3.37 25.28
C GLU A 64 23.29 -3.82 25.11
N ALA A 65 22.50 -3.00 24.40
CA ALA A 65 21.09 -3.29 24.17
C ALA A 65 20.92 -4.73 23.77
N PHE A 66 21.69 -5.13 22.76
CA PHE A 66 21.63 -6.50 22.28
C PHE A 66 21.97 -7.48 23.38
N ALA A 67 23.12 -7.25 24.00
CA ALA A 67 23.61 -8.08 25.09
C ALA A 67 22.50 -8.43 26.06
N VAL A 68 21.79 -7.39 26.50
CA VAL A 68 20.71 -7.59 27.43
C VAL A 68 19.65 -8.51 26.86
N VAL A 69 19.38 -8.39 25.57
CA VAL A 69 18.39 -9.23 24.92
C VAL A 69 18.93 -10.65 24.81
N ARG A 70 20.15 -10.77 24.32
CA ARG A 70 20.76 -12.07 24.19
C ARG A 70 20.62 -12.79 25.51
N GLU A 71 20.83 -12.05 26.60
CA GLU A 71 20.75 -12.61 27.93
C GLU A 71 19.29 -12.94 28.27
N ALA A 72 18.44 -11.94 28.16
CA ALA A 72 17.02 -12.09 28.48
C ALA A 72 16.39 -13.31 27.79
N SER A 73 16.78 -13.60 26.55
CA SER A 73 16.22 -14.75 25.85
C SER A 73 16.63 -16.09 26.48
N ARG A 74 17.85 -16.17 27.00
CA ARG A 74 18.32 -17.41 27.62
C ARG A 74 17.48 -17.73 28.83
N ARG A 75 16.98 -16.68 29.45
CA ARG A 75 16.15 -16.78 30.65
C ARG A 75 14.71 -17.15 30.34
N VAL A 76 14.18 -16.48 29.32
CA VAL A 76 12.82 -16.63 28.86
C VAL A 76 12.59 -17.90 28.06
N THR A 77 13.48 -18.18 27.12
CA THR A 77 13.35 -19.33 26.26
C THR A 77 14.49 -20.32 26.29
N GLY A 78 15.50 -20.05 27.11
CA GLY A 78 16.63 -20.95 27.21
C GLY A 78 17.51 -20.87 25.98
N MET A 79 17.27 -19.85 25.14
CA MET A 79 18.05 -19.64 23.93
C MET A 79 18.94 -18.41 23.97
N PHE A 80 20.23 -18.65 23.77
CA PHE A 80 21.25 -17.61 23.74
C PHE A 80 21.69 -17.53 22.29
N PRO A 81 21.16 -16.54 21.56
CA PRO A 81 21.43 -16.27 20.14
C PRO A 81 22.87 -16.54 19.72
N PHE A 82 23.07 -16.89 18.45
CA PHE A 82 24.44 -17.14 17.97
C PHE A 82 24.96 -15.85 17.35
N LYS A 83 26.28 -15.73 17.22
CA LYS A 83 26.91 -14.55 16.65
C LYS A 83 26.24 -14.08 15.36
N VAL A 84 25.92 -15.05 14.52
CA VAL A 84 25.27 -14.77 13.26
C VAL A 84 23.99 -14.01 13.60
N GLN A 85 23.21 -14.57 14.53
CA GLN A 85 21.96 -13.96 14.94
C GLN A 85 22.18 -12.50 15.34
N LEU A 86 23.19 -12.28 16.18
CA LEU A 86 23.55 -10.94 16.61
C LEU A 86 23.87 -10.15 15.35
N MET A 87 24.53 -10.79 14.39
CA MET A 87 24.88 -10.10 13.15
C MET A 87 23.65 -9.69 12.35
N GLY A 88 22.69 -10.61 12.24
CA GLY A 88 21.47 -10.33 11.49
C GLY A 88 20.77 -9.15 12.12
N GLY A 89 20.79 -9.14 13.45
CA GLY A 89 20.18 -8.08 14.22
C GLY A 89 20.66 -6.71 13.80
N VAL A 90 21.97 -6.52 13.82
CA VAL A 90 22.60 -5.25 13.45
C VAL A 90 22.17 -4.80 12.06
N ALA A 91 22.16 -5.76 11.14
CA ALA A 91 21.78 -5.50 9.77
C ALA A 91 20.39 -4.86 9.75
N LEU A 92 19.45 -5.53 10.41
CA LEU A 92 18.07 -5.10 10.54
C LEU A 92 17.93 -3.69 11.10
N HIS A 93 18.86 -3.33 11.98
CA HIS A 93 18.86 -2.01 12.60
C HIS A 93 19.36 -0.98 11.58
N ASP A 94 20.33 -1.37 10.76
CA ASP A 94 20.91 -0.49 9.73
C ASP A 94 19.92 -0.21 8.60
N GLY A 95 18.79 -0.91 8.62
CA GLY A 95 17.79 -0.75 7.58
C GLY A 95 18.16 -1.56 6.35
N ASN A 96 18.41 -2.86 6.51
CA ASN A 96 18.74 -3.70 5.36
C ASN A 96 17.91 -5.00 5.34
N ILE A 97 18.01 -5.75 4.24
CA ILE A 97 17.29 -7.03 4.15
C ILE A 97 18.26 -8.08 4.64
N ALA A 98 18.02 -8.60 5.85
CA ALA A 98 18.89 -9.61 6.41
C ALA A 98 18.45 -10.94 5.87
N GLU A 99 19.29 -11.52 5.01
CA GLU A 99 19.02 -12.81 4.41
C GLU A 99 19.73 -13.88 5.20
N MET A 100 18.96 -14.62 5.98
CA MET A 100 19.55 -15.69 6.78
C MET A 100 18.86 -16.99 6.39
N LYS A 101 19.64 -17.90 5.83
CA LYS A 101 19.12 -19.17 5.34
C LYS A 101 18.02 -19.73 6.20
N THR A 102 16.94 -20.07 5.51
CA THR A 102 15.74 -20.62 6.10
C THR A 102 16.08 -21.81 6.98
N GLY A 103 16.00 -21.58 8.28
CA GLY A 103 16.32 -22.61 9.23
C GLY A 103 17.01 -22.03 10.46
N GLU A 104 17.50 -20.79 10.38
CA GLU A 104 18.15 -20.15 11.55
C GLU A 104 17.07 -19.66 12.50
N GLY A 105 17.32 -18.52 13.15
CA GLY A 105 16.35 -18.02 14.09
C GLY A 105 16.05 -16.54 13.92
N LYS A 106 15.39 -16.23 12.81
CA LYS A 106 15.03 -14.86 12.48
C LYS A 106 14.01 -14.31 13.44
N THR A 107 13.00 -15.10 13.77
CA THR A 107 12.00 -14.58 14.66
C THR A 107 12.59 -14.15 15.99
N LEU A 108 13.72 -14.76 16.33
CA LEU A 108 14.44 -14.45 17.55
C LEU A 108 15.42 -13.31 17.24
N THR A 109 16.19 -13.50 16.18
CA THR A 109 17.16 -12.50 15.78
C THR A 109 16.49 -11.12 15.76
N SER A 110 15.27 -11.04 15.23
CA SER A 110 14.49 -9.80 15.10
C SER A 110 14.31 -9.08 16.42
N THR A 111 14.26 -9.86 17.51
CA THR A 111 14.10 -9.28 18.80
C THR A 111 15.12 -8.18 19.03
N LEU A 112 16.38 -8.44 18.68
CA LEU A 112 17.41 -7.44 18.94
C LEU A 112 17.21 -6.05 18.43
N PRO A 113 16.96 -5.90 17.14
CA PRO A 113 16.77 -4.54 16.60
C PRO A 113 15.41 -3.95 16.93
N VAL A 114 14.41 -4.80 17.03
CA VAL A 114 13.08 -4.35 17.34
C VAL A 114 13.06 -3.80 18.77
N TYR A 115 13.97 -4.30 19.61
CA TYR A 115 14.08 -3.84 20.99
C TYR A 115 14.88 -2.50 21.03
N LEU A 116 16.14 -2.55 20.63
CA LEU A 116 16.95 -1.36 20.60
C LEU A 116 16.22 -0.17 19.97
N ASN A 117 15.34 -0.42 19.00
CA ASN A 117 14.64 0.69 18.38
C ASN A 117 13.41 1.11 19.16
N ALA A 118 12.74 0.12 19.72
CA ALA A 118 11.52 0.37 20.48
C ALA A 118 11.75 1.12 21.76
N LEU A 119 13.01 1.40 22.08
CA LEU A 119 13.31 2.08 23.33
C LEU A 119 13.11 3.57 23.31
N THR A 120 12.06 4.04 22.65
CA THR A 120 11.76 5.48 22.63
C THR A 120 10.27 5.67 22.37
N GLY A 121 9.49 4.62 22.60
CA GLY A 121 8.05 4.68 22.41
C GLY A 121 7.53 5.36 21.15
N LYS A 122 8.35 5.39 20.10
CA LYS A 122 7.98 6.00 18.82
C LYS A 122 7.25 5.01 17.93
N GLY A 123 7.20 3.77 18.36
CA GLY A 123 6.52 2.76 17.57
C GLY A 123 7.45 1.90 16.74
N VAL A 124 7.16 0.59 16.76
CA VAL A 124 7.92 -0.41 16.01
C VAL A 124 6.97 -1.52 15.56
N HIS A 125 6.73 -1.56 14.24
CA HIS A 125 5.85 -2.54 13.62
C HIS A 125 6.62 -3.74 13.07
N VAL A 126 6.18 -4.92 13.47
CA VAL A 126 6.78 -6.19 13.05
C VAL A 126 5.69 -6.83 12.23
N VAL A 127 5.78 -6.72 10.92
CA VAL A 127 4.77 -7.22 10.01
C VAL A 127 5.02 -8.63 9.44
N THR A 128 3.95 -9.44 9.46
CA THR A 128 4.00 -10.81 8.97
C THR A 128 3.09 -11.05 7.78
N VAL A 129 3.30 -12.17 7.12
CA VAL A 129 2.46 -12.45 5.98
C VAL A 129 1.02 -12.76 6.29
N ASN A 130 0.74 -13.46 7.39
CA ASN A 130 -0.65 -13.79 7.75
C ASN A 130 -0.89 -13.51 9.23
N GLU A 131 -2.15 -13.39 9.64
CA GLU A 131 -2.49 -13.12 11.07
C GLU A 131 -1.99 -14.17 12.06
N TYR A 132 -2.08 -15.45 11.70
CA TYR A 132 -1.60 -16.51 12.60
C TYR A 132 -0.14 -16.33 12.93
N LEU A 133 0.71 -16.49 11.93
CA LEU A 133 2.13 -16.33 12.15
C LEU A 133 2.41 -15.09 12.95
N ALA A 134 1.77 -14.00 12.56
CA ALA A 134 1.98 -12.75 13.27
C ALA A 134 1.54 -12.92 14.73
N SER A 135 0.43 -13.64 14.93
CA SER A 135 -0.06 -13.90 16.28
C SER A 135 1.01 -14.70 16.99
N ARG A 136 1.06 -16.02 16.74
CA ARG A 136 2.07 -16.90 17.35
C ARG A 136 3.36 -16.12 17.66
N ASP A 137 3.96 -15.52 16.64
CA ASP A 137 5.18 -14.75 16.85
C ASP A 137 5.09 -13.84 18.05
N ALA A 138 4.19 -12.85 18.00
CA ALA A 138 4.01 -11.91 19.10
C ALA A 138 3.97 -12.57 20.49
N GLU A 139 3.24 -13.67 20.61
CA GLU A 139 3.11 -14.36 21.90
C GLU A 139 4.48 -14.88 22.38
N GLN A 140 5.08 -15.78 21.61
CA GLN A 140 6.38 -16.36 21.95
C GLN A 140 7.54 -15.38 22.10
N MET A 141 7.81 -14.59 21.07
CA MET A 141 8.88 -13.62 21.13
C MET A 141 8.45 -12.41 21.94
N GLY A 142 7.25 -12.44 22.48
CA GLY A 142 6.77 -11.30 23.26
C GLY A 142 7.33 -11.27 24.66
N LYS A 143 7.34 -12.47 25.28
CA LYS A 143 7.81 -12.75 26.62
C LYS A 143 9.17 -12.09 26.80
N ILE A 144 9.98 -12.15 25.75
CA ILE A 144 11.30 -11.54 25.79
C ILE A 144 11.14 -10.04 26.01
N PHE A 145 10.24 -9.42 25.23
CA PHE A 145 9.97 -7.98 25.29
C PHE A 145 9.32 -7.54 26.59
N GLU A 146 8.31 -8.29 27.00
CA GLU A 146 7.61 -8.00 28.24
C GLU A 146 8.59 -8.13 29.40
N PHE A 147 9.43 -9.15 29.36
CA PHE A 147 10.44 -9.36 30.39
C PHE A 147 11.27 -8.10 30.57
N LEU A 148 11.80 -7.54 29.48
CA LEU A 148 12.60 -6.33 29.57
C LEU A 148 11.65 -5.17 29.85
N GLY A 149 10.38 -5.49 30.10
CA GLY A 149 9.40 -4.48 30.39
C GLY A 149 9.03 -3.55 29.27
N LEU A 150 8.43 -4.13 28.23
CA LEU A 150 7.96 -3.44 27.03
C LEU A 150 6.58 -3.95 26.63
N THR A 151 5.66 -3.03 26.36
CA THR A 151 4.29 -3.40 25.97
C THR A 151 4.24 -3.85 24.52
N VAL A 152 3.57 -4.99 24.30
CA VAL A 152 3.44 -5.52 22.96
C VAL A 152 1.97 -5.70 22.60
N GLY A 153 1.53 -4.96 21.59
CA GLY A 153 0.15 -5.05 21.16
C GLY A 153 0.03 -5.85 19.86
N LEU A 154 -1.06 -6.59 19.69
CA LEU A 154 -1.23 -7.37 18.46
C LEU A 154 -2.23 -6.62 17.58
N ASN A 155 -2.25 -6.85 16.27
CA ASN A 155 -3.20 -6.12 15.43
C ASN A 155 -3.86 -6.96 14.34
N LEU A 156 -5.12 -7.34 14.58
CA LEU A 156 -5.90 -8.13 13.62
C LEU A 156 -7.17 -7.38 13.20
N ASN A 157 -7.60 -7.57 11.96
CA ASN A 157 -8.78 -6.86 11.49
C ASN A 157 -10.05 -7.15 12.32
N SER A 158 -9.96 -8.12 13.24
CA SER A 158 -11.11 -8.47 14.06
C SER A 158 -11.20 -7.60 15.31
N MET A 159 -10.20 -6.74 15.51
CA MET A 159 -10.18 -5.86 16.68
C MET A 159 -10.98 -4.61 16.46
N SER A 160 -11.58 -4.11 17.54
CA SER A 160 -12.44 -2.94 17.50
C SER A 160 -11.83 -1.55 17.28
N LYS A 161 -12.74 -0.60 17.05
CA LYS A 161 -12.49 0.82 16.80
C LYS A 161 -11.85 1.44 18.06
N ASP A 162 -11.58 0.58 19.05
CA ASP A 162 -10.97 1.01 20.31
C ASP A 162 -9.74 0.15 20.66
N GLU A 163 -9.88 -1.17 20.47
CA GLU A 163 -8.82 -2.15 20.75
C GLU A 163 -7.53 -1.81 19.98
N LYS A 164 -7.68 -1.63 18.67
CA LYS A 164 -6.57 -1.31 17.82
C LYS A 164 -5.77 -0.07 18.18
N ARG A 165 -6.37 0.94 18.82
CA ARG A 165 -5.59 2.13 19.18
C ARG A 165 -4.55 1.71 20.22
N GLU A 166 -5.02 0.89 21.17
CA GLU A 166 -4.21 0.35 22.26
C GLU A 166 -3.07 -0.46 21.65
N ALA A 167 -3.46 -1.44 20.83
CA ALA A 167 -2.53 -2.33 20.15
C ALA A 167 -1.45 -1.51 19.44
N TYR A 168 -1.84 -0.41 18.82
CA TYR A 168 -0.88 0.44 18.16
C TYR A 168 -0.11 1.28 19.16
N ALA A 169 -0.68 1.48 20.35
CA ALA A 169 -0.03 2.28 21.38
C ALA A 169 1.23 1.60 21.92
N ALA A 170 1.10 0.32 22.23
CA ALA A 170 2.19 -0.48 22.74
C ALA A 170 3.48 -0.03 22.06
N ASP A 171 4.61 -0.20 22.74
CA ASP A 171 5.86 0.23 22.12
C ASP A 171 6.40 -0.77 21.11
N ILE A 172 5.73 -1.91 20.95
CA ILE A 172 6.10 -2.89 19.93
C ILE A 172 4.85 -3.57 19.41
N THR A 173 4.44 -3.25 18.18
CA THR A 173 3.22 -3.81 17.56
C THR A 173 3.41 -4.94 16.54
N TYR A 174 2.47 -5.88 16.54
CA TYR A 174 2.49 -7.01 15.64
C TYR A 174 1.26 -6.92 14.71
N SER A 175 1.44 -7.14 13.41
CA SER A 175 0.34 -7.03 12.45
C SER A 175 0.66 -7.73 11.13
N THR A 176 -0.23 -7.55 10.16
CA THR A 176 -0.03 -8.15 8.86
C THR A 176 0.19 -7.00 7.88
N ASN A 177 0.71 -7.32 6.69
CA ASN A 177 1.00 -6.33 5.65
C ASN A 177 -0.24 -5.60 5.20
N ASN A 178 -1.39 -6.25 5.34
CA ASN A 178 -2.61 -5.63 4.91
C ASN A 178 -3.19 -4.74 5.97
N GLU A 179 -3.29 -5.27 7.18
CA GLU A 179 -3.83 -4.52 8.27
C GLU A 179 -3.19 -3.16 8.36
N LEU A 180 -1.88 -3.14 8.52
CA LEU A 180 -1.18 -1.87 8.63
C LEU A 180 -1.53 -0.96 7.43
N GLY A 181 -1.65 -1.57 6.26
CA GLY A 181 -1.96 -0.82 5.05
C GLY A 181 -3.36 -0.26 5.08
N PHE A 182 -4.34 -1.13 5.26
CA PHE A 182 -5.69 -0.64 5.30
C PHE A 182 -5.94 0.37 6.37
N ASP A 183 -5.34 0.18 7.54
CA ASP A 183 -5.56 1.16 8.59
C ASP A 183 -5.15 2.55 8.12
N TYR A 184 -3.93 2.66 7.58
CA TYR A 184 -3.41 3.94 7.11
C TYR A 184 -4.46 4.63 6.31
N LEU A 185 -5.13 3.83 5.50
CA LEU A 185 -6.18 4.36 4.66
C LEU A 185 -7.42 4.74 5.47
N ARG A 186 -7.97 3.81 6.25
CA ARG A 186 -9.14 4.17 7.03
C ARG A 186 -8.81 5.39 7.89
N ASP A 187 -7.55 5.55 8.26
CA ASP A 187 -7.16 6.67 9.09
C ASP A 187 -7.26 8.00 8.38
N ASN A 188 -7.52 7.97 7.09
CA ASN A 188 -7.63 9.20 6.35
C ASN A 188 -9.05 9.44 5.81
N MET A 189 -10.00 8.77 6.43
CA MET A 189 -11.42 8.89 6.11
C MET A 189 -12.06 9.45 7.37
N VAL A 190 -11.33 9.28 8.47
CA VAL A 190 -11.71 9.74 9.79
C VAL A 190 -12.32 11.12 9.80
N LEU A 191 -13.48 11.26 10.46
CA LEU A 191 -14.15 12.56 10.58
C LEU A 191 -13.75 13.26 11.86
N TYR A 192 -13.39 12.45 12.84
CA TYR A 192 -12.99 12.93 14.15
C TYR A 192 -11.60 12.37 14.49
N LYS A 193 -10.63 13.27 14.71
CA LYS A 193 -9.23 12.91 15.00
C LYS A 193 -8.98 11.58 15.71
N GLU A 194 -9.63 11.41 16.85
CA GLU A 194 -9.51 10.24 17.70
C GLU A 194 -9.91 8.91 17.05
N GLN A 195 -10.49 8.95 15.86
CA GLN A 195 -10.86 7.72 15.22
C GLN A 195 -9.65 7.11 14.54
N MET A 196 -8.53 7.82 14.54
CA MET A 196 -7.33 7.30 13.91
C MET A 196 -6.69 6.24 14.80
N VAL A 197 -6.45 5.06 14.23
CA VAL A 197 -5.86 3.95 14.98
C VAL A 197 -4.34 3.96 15.08
N GLN A 198 -3.69 4.25 13.96
CA GLN A 198 -2.23 4.28 13.90
C GLN A 198 -1.60 5.52 14.52
N ARG A 199 -0.29 5.42 14.72
CA ARG A 199 0.54 6.51 15.25
C ARG A 199 1.50 6.79 14.10
N PRO A 200 2.25 7.90 14.16
CA PRO A 200 3.17 8.16 13.06
C PRO A 200 4.08 6.97 12.90
N LEU A 201 4.12 6.48 11.66
CA LEU A 201 4.90 5.32 11.22
C LEU A 201 6.36 5.57 11.46
N HIS A 202 6.96 4.73 12.31
CA HIS A 202 8.36 4.88 12.73
C HIS A 202 9.37 3.95 12.13
N PHE A 203 9.28 2.70 12.56
CA PHE A 203 10.19 1.71 12.09
C PHE A 203 9.45 0.41 11.92
N ALA A 204 9.69 -0.19 10.76
CA ALA A 204 9.06 -1.44 10.40
C ALA A 204 10.06 -2.56 10.20
N VAL A 205 9.64 -3.76 10.56
CA VAL A 205 10.46 -4.93 10.37
C VAL A 205 9.62 -6.01 9.74
N ILE A 206 9.95 -6.29 8.49
CA ILE A 206 9.21 -7.25 7.70
C ILE A 206 9.77 -8.65 7.66
N ASP A 207 9.00 -9.60 8.18
CA ASP A 207 9.38 -10.99 8.17
C ASP A 207 8.92 -11.58 6.84
N GLN A 208 9.80 -12.28 6.12
CA GLN A 208 9.44 -12.84 4.80
C GLN A 208 9.32 -11.69 3.80
N VAL A 209 10.24 -10.74 3.92
CA VAL A 209 10.30 -9.56 3.08
C VAL A 209 9.90 -9.75 1.65
N ASP A 210 10.36 -10.85 1.04
CA ASP A 210 10.03 -11.10 -0.35
C ASP A 210 8.52 -11.18 -0.52
N SER A 211 7.87 -12.07 0.21
CA SER A 211 6.43 -12.20 0.11
C SER A 211 5.72 -10.85 0.21
N ILE A 212 5.90 -10.17 1.32
CA ILE A 212 5.24 -8.92 1.54
C ILE A 212 5.64 -7.78 0.64
N LEU A 213 6.92 -7.43 0.63
CA LEU A 213 7.39 -6.33 -0.21
C LEU A 213 7.36 -6.51 -1.73
N ILE A 214 7.53 -7.74 -2.20
CA ILE A 214 7.54 -8.06 -3.64
C ILE A 214 6.26 -8.74 -4.11
N ASP A 215 6.18 -10.05 -3.92
CA ASP A 215 5.01 -10.81 -4.35
C ASP A 215 3.73 -10.08 -4.01
N GLU A 216 3.34 -10.10 -2.74
CA GLU A 216 2.11 -9.44 -2.35
C GLU A 216 1.99 -7.98 -2.73
N ALA A 217 3.04 -7.43 -3.32
CA ALA A 217 3.04 -6.03 -3.72
C ALA A 217 2.94 -5.82 -5.24
N ARG A 218 2.44 -6.82 -5.97
CA ARG A 218 2.29 -6.73 -7.43
C ARG A 218 1.03 -5.93 -7.77
N THR A 219 0.05 -5.97 -6.86
CA THR A 219 -1.22 -5.24 -7.00
C THR A 219 -1.39 -4.27 -5.85
N PRO A 220 -2.08 -3.15 -6.09
CA PRO A 220 -2.34 -2.10 -5.10
C PRO A 220 -3.44 -2.39 -4.06
N LEU A 221 -3.46 -1.63 -2.97
CA LEU A 221 -4.47 -1.82 -1.93
C LEU A 221 -5.54 -0.74 -2.13
N ILE A 222 -6.80 -1.08 -1.93
CA ILE A 222 -7.82 -0.07 -2.16
C ILE A 222 -9.17 -0.32 -1.49
N ILE A 223 -9.79 0.77 -1.04
CA ILE A 223 -11.09 0.75 -0.36
C ILE A 223 -12.14 1.45 -1.23
N SER A 224 -13.35 0.91 -1.28
CA SER A 224 -14.39 1.52 -2.11
C SER A 224 -15.80 1.13 -1.69
N GLY A 225 -16.77 1.97 -2.01
CA GLY A 225 -18.15 1.67 -1.67
C GLY A 225 -19.11 2.04 -2.79
N GLN A 226 -19.93 1.09 -3.23
CA GLN A 226 -20.88 1.34 -4.33
C GLN A 226 -21.65 2.65 -4.12
N ALA A 227 -22.13 3.22 -5.23
CA ALA A 227 -22.89 4.47 -5.18
C ALA A 227 -24.36 4.15 -4.98
N ALA A 228 -25.04 5.00 -4.19
CA ALA A 228 -26.47 4.85 -3.87
C ALA A 228 -27.29 4.55 -5.13
N LYS A 229 -28.43 3.89 -4.94
CA LYS A 229 -29.29 3.55 -6.08
C LYS A 229 -29.97 4.84 -6.55
N SER A 230 -29.46 5.97 -6.05
CA SER A 230 -30.01 7.32 -6.33
C SER A 230 -29.90 7.86 -7.76
N THR A 231 -30.21 7.02 -8.74
CA THR A 231 -30.20 7.45 -10.13
C THR A 231 -31.57 8.11 -10.35
N LYS A 232 -32.19 8.47 -9.24
CA LYS A 232 -33.51 9.12 -9.23
C LYS A 232 -33.39 10.65 -9.15
N LEU A 233 -32.53 11.15 -8.25
CA LEU A 233 -32.37 12.60 -8.09
C LEU A 233 -31.47 13.30 -9.12
N TYR A 234 -30.63 12.54 -9.82
CA TYR A 234 -29.77 13.18 -10.81
C TYR A 234 -30.64 13.74 -11.94
N VAL A 235 -31.55 12.91 -12.46
CA VAL A 235 -32.46 13.30 -13.54
C VAL A 235 -33.37 14.44 -13.06
N GLN A 236 -33.74 14.38 -11.77
CA GLN A 236 -34.58 15.40 -11.14
C GLN A 236 -33.88 16.74 -11.29
N ALA A 237 -32.57 16.71 -11.12
CA ALA A 237 -31.79 17.91 -11.26
C ALA A 237 -31.95 18.36 -12.71
N ASN A 238 -31.74 17.42 -13.63
CA ASN A 238 -31.85 17.74 -15.05
C ASN A 238 -33.25 18.22 -15.39
N ALA A 239 -34.26 17.55 -14.83
CA ALA A 239 -35.65 17.92 -15.10
C ALA A 239 -35.99 19.28 -14.52
N PHE A 240 -35.45 19.56 -13.34
CA PHE A 240 -35.68 20.82 -12.66
C PHE A 240 -35.12 22.01 -13.42
N VAL A 241 -33.82 21.92 -13.69
CA VAL A 241 -33.08 22.96 -14.40
C VAL A 241 -33.58 23.13 -15.85
N ARG A 242 -34.03 22.05 -16.48
CA ARG A 242 -34.50 22.09 -17.87
C ARG A 242 -35.67 23.05 -18.07
N THR A 243 -36.03 23.73 -16.99
CA THR A 243 -37.14 24.67 -17.04
C THR A 243 -36.79 25.94 -16.27
N LEU A 244 -35.57 26.43 -16.45
CA LEU A 244 -35.16 27.63 -15.72
C LEU A 244 -34.47 28.68 -16.57
N LYS A 245 -33.91 28.25 -17.71
CA LYS A 245 -33.19 29.14 -18.62
C LYS A 245 -33.74 30.57 -18.66
N ALA A 246 -32.97 31.51 -18.12
CA ALA A 246 -33.35 32.91 -18.09
C ALA A 246 -32.24 33.68 -17.44
N GLU A 247 -32.43 34.98 -17.27
CA GLU A 247 -31.41 35.74 -16.61
C GLU A 247 -31.82 35.86 -15.16
N LYS A 248 -32.49 34.82 -14.67
CA LYS A 248 -32.94 34.74 -13.29
C LYS A 248 -31.98 33.80 -12.55
N ASP A 249 -31.07 33.21 -13.33
CA ASP A 249 -30.00 32.33 -12.88
C ASP A 249 -28.75 32.84 -13.65
N TYR A 250 -28.05 33.82 -13.05
CA TYR A 250 -26.88 34.46 -13.66
C TYR A 250 -25.72 33.55 -14.06
N THR A 251 -25.44 33.52 -15.37
CA THR A 251 -24.36 32.71 -15.93
C THR A 251 -23.06 33.51 -15.92
N TYR A 252 -21.97 32.88 -16.31
CA TYR A 252 -20.69 33.56 -16.33
C TYR A 252 -19.82 32.94 -17.38
N ASP A 253 -19.07 33.77 -18.12
CA ASP A 253 -18.21 33.24 -19.15
C ASP A 253 -16.75 33.56 -18.88
N ILE A 254 -16.49 34.60 -18.10
CA ILE A 254 -15.10 34.93 -17.79
C ILE A 254 -14.62 33.95 -16.72
N LYS A 255 -15.52 33.54 -15.82
CA LYS A 255 -15.16 32.59 -14.79
C LYS A 255 -15.94 31.30 -14.97
N THR A 256 -16.80 31.27 -15.97
CA THR A 256 -17.64 30.10 -16.26
C THR A 256 -18.32 29.52 -15.03
N LYS A 257 -19.21 30.32 -14.44
CA LYS A 257 -19.94 29.90 -13.24
C LYS A 257 -21.44 30.18 -13.39
N ALA A 258 -22.25 29.36 -12.76
CA ALA A 258 -23.69 29.56 -12.81
C ALA A 258 -24.10 29.83 -11.37
N VAL A 259 -23.35 30.70 -10.71
CA VAL A 259 -23.59 31.05 -9.31
C VAL A 259 -25.06 31.20 -8.92
N GLN A 260 -25.31 31.30 -7.62
CA GLN A 260 -26.66 31.43 -7.07
C GLN A 260 -26.70 32.11 -5.68
N LEU A 261 -27.21 33.36 -5.66
CA LEU A 261 -27.40 34.20 -4.46
C LEU A 261 -28.50 35.23 -4.76
N THR A 262 -28.22 36.12 -5.72
CA THR A 262 -29.17 37.16 -6.15
C THR A 262 -30.20 36.55 -7.12
N GLU A 263 -30.14 35.22 -7.25
CA GLU A 263 -31.06 34.43 -8.07
C GLU A 263 -32.12 33.87 -7.12
N GLU A 264 -32.82 34.79 -6.46
CA GLU A 264 -33.86 34.45 -5.51
C GLU A 264 -35.03 33.76 -6.20
N GLY A 265 -35.33 34.18 -7.42
CA GLY A 265 -36.42 33.58 -8.17
C GLY A 265 -36.09 32.12 -8.45
N MET A 266 -34.83 31.78 -8.23
CA MET A 266 -34.29 30.43 -8.44
C MET A 266 -34.11 29.69 -7.09
N THR A 267 -33.44 30.33 -6.14
CA THR A 267 -33.20 29.74 -4.81
C THR A 267 -34.54 29.47 -4.10
N LYS A 268 -35.59 30.11 -4.60
CA LYS A 268 -36.93 29.95 -4.07
C LYS A 268 -37.62 28.89 -4.92
N ALA A 269 -37.30 28.90 -6.22
CA ALA A 269 -37.84 27.94 -7.17
C ALA A 269 -37.24 26.57 -6.89
N GLU A 270 -36.03 26.58 -6.33
CA GLU A 270 -35.32 25.35 -5.97
C GLU A 270 -36.20 24.62 -4.97
N LYS A 271 -36.96 25.40 -4.22
CA LYS A 271 -37.85 24.89 -3.19
C LYS A 271 -39.24 24.55 -3.73
N ALA A 272 -39.26 23.78 -4.81
CA ALA A 272 -40.52 23.35 -5.41
C ALA A 272 -41.19 22.47 -4.37
N PHE A 273 -40.41 21.57 -3.77
CA PHE A 273 -40.91 20.67 -2.71
C PHE A 273 -39.79 19.90 -1.97
N GLY A 274 -39.31 20.52 -0.89
CA GLY A 274 -38.28 19.98 -0.03
C GLY A 274 -38.22 20.94 1.15
N ILE A 275 -37.42 20.64 2.17
CA ILE A 275 -37.31 21.53 3.34
C ILE A 275 -36.78 22.89 2.85
N ASP A 276 -37.68 23.70 2.30
CA ASP A 276 -37.33 25.02 1.74
C ASP A 276 -36.47 25.94 2.61
N ASN A 277 -36.92 26.25 3.82
CA ASN A 277 -36.19 27.14 4.72
C ASN A 277 -34.73 26.73 5.00
N LEU A 278 -34.51 25.44 5.29
CA LEU A 278 -33.17 24.91 5.61
C LEU A 278 -32.18 24.79 4.43
N PHE A 279 -30.94 25.21 4.67
CA PHE A 279 -29.86 25.16 3.67
C PHE A 279 -28.74 24.23 4.10
N ASP A 280 -27.78 24.79 4.81
CA ASP A 280 -26.61 24.06 5.30
C ASP A 280 -26.61 22.52 5.20
N VAL A 281 -27.57 21.85 5.84
CA VAL A 281 -27.63 20.38 5.83
C VAL A 281 -27.84 19.74 4.45
N LYS A 282 -29.06 19.78 3.93
CA LYS A 282 -29.34 19.20 2.62
C LYS A 282 -29.10 20.13 1.44
N HIS A 283 -28.46 21.27 1.68
CA HIS A 283 -28.16 22.21 0.60
C HIS A 283 -26.78 21.79 0.04
N VAL A 284 -25.88 21.32 0.92
CA VAL A 284 -24.55 20.88 0.47
C VAL A 284 -24.74 19.65 -0.43
N ALA A 285 -25.81 18.91 -0.16
CA ALA A 285 -26.18 17.72 -0.93
C ALA A 285 -26.86 18.13 -2.24
N LEU A 286 -27.66 19.18 -2.19
CA LEU A 286 -28.35 19.67 -3.38
C LEU A 286 -27.48 20.58 -4.21
N ASN A 287 -27.25 21.80 -3.72
CA ASN A 287 -26.43 22.77 -4.43
C ASN A 287 -25.26 22.11 -5.18
N HIS A 288 -24.41 21.39 -4.45
CA HIS A 288 -23.26 20.70 -5.06
C HIS A 288 -23.69 19.68 -6.12
N HIS A 289 -24.97 19.33 -6.11
CA HIS A 289 -25.54 18.33 -7.01
C HIS A 289 -26.40 18.98 -8.11
N ILE A 290 -26.88 20.18 -7.78
CA ILE A 290 -27.75 20.93 -8.68
C ILE A 290 -26.96 21.80 -9.66
N ASN A 291 -26.00 22.54 -9.11
CA ASN A 291 -25.15 23.39 -9.90
C ASN A 291 -24.38 22.58 -10.94
N GLN A 292 -23.91 21.38 -10.58
CA GLN A 292 -23.16 20.56 -11.53
C GLN A 292 -24.02 20.23 -12.72
N ALA A 293 -25.33 20.19 -12.48
CA ALA A 293 -26.30 19.91 -13.51
C ALA A 293 -26.61 21.22 -14.23
N LEU A 294 -26.76 22.30 -13.47
CA LEU A 294 -27.05 23.60 -14.04
C LEU A 294 -25.92 24.00 -15.00
N LYS A 295 -24.68 23.72 -14.62
CA LYS A 295 -23.51 24.04 -15.43
C LYS A 295 -23.46 23.12 -16.63
N ALA A 296 -24.16 22.00 -16.54
CA ALA A 296 -24.19 21.03 -17.63
C ALA A 296 -25.02 21.53 -18.79
N HIS A 297 -25.92 22.46 -18.51
CA HIS A 297 -26.79 23.01 -19.53
C HIS A 297 -26.33 24.35 -20.07
N VAL A 298 -26.11 25.29 -19.17
CA VAL A 298 -25.70 26.62 -19.53
C VAL A 298 -24.24 26.77 -19.96
N ALA A 299 -23.33 26.11 -19.25
CA ALA A 299 -21.90 26.21 -19.55
C ALA A 299 -21.38 25.18 -20.55
N MET A 300 -21.54 23.91 -20.23
CA MET A 300 -21.05 22.84 -21.10
C MET A 300 -21.96 22.64 -22.32
N GLN A 301 -21.55 23.15 -23.49
CA GLN A 301 -22.34 22.97 -24.70
C GLN A 301 -22.10 21.57 -25.23
N LYS A 302 -22.90 21.12 -26.19
CA LYS A 302 -22.74 19.76 -26.69
C LYS A 302 -21.50 19.48 -27.53
N ASP A 303 -21.69 19.17 -28.82
CA ASP A 303 -20.58 18.83 -29.69
C ASP A 303 -19.41 19.80 -29.82
N VAL A 304 -19.05 20.45 -28.72
CA VAL A 304 -17.93 21.38 -28.73
C VAL A 304 -17.03 21.13 -27.51
N ASP A 305 -17.62 21.04 -26.33
CA ASP A 305 -16.85 20.79 -25.10
C ASP A 305 -16.60 19.29 -24.88
N TYR A 306 -17.61 18.49 -25.26
CA TYR A 306 -17.61 17.02 -25.12
C TYR A 306 -18.29 16.35 -26.31
N VAL A 307 -17.97 15.09 -26.56
CA VAL A 307 -18.59 14.36 -27.67
C VAL A 307 -19.45 13.23 -27.14
N VAL A 308 -20.48 12.86 -27.89
CA VAL A 308 -21.36 11.78 -27.47
C VAL A 308 -21.36 10.66 -28.51
N GLU A 309 -21.38 9.42 -28.01
CA GLU A 309 -21.41 8.21 -28.82
C GLU A 309 -22.25 7.14 -28.14
N ASP A 310 -22.33 5.97 -28.75
CA ASP A 310 -23.12 4.87 -28.19
C ASP A 310 -22.47 4.36 -26.89
N GLY A 311 -21.42 5.07 -26.48
CA GLY A 311 -20.73 4.73 -25.25
C GLY A 311 -20.98 5.85 -24.27
N GLN A 312 -19.96 6.18 -23.49
CA GLN A 312 -20.05 7.24 -22.49
C GLN A 312 -19.66 8.60 -23.12
N VAL A 313 -20.03 9.70 -22.47
CA VAL A 313 -19.72 11.04 -22.97
C VAL A 313 -18.20 11.28 -23.00
N VAL A 314 -17.57 11.09 -24.15
CA VAL A 314 -16.12 11.29 -24.28
C VAL A 314 -15.77 12.78 -24.30
N ILE A 315 -14.61 13.12 -23.75
CA ILE A 315 -14.21 14.51 -23.72
C ILE A 315 -13.48 14.82 -25.01
N VAL A 316 -13.10 16.08 -25.20
CA VAL A 316 -12.42 16.50 -26.40
C VAL A 316 -11.45 17.65 -26.12
N ASP A 317 -10.18 17.44 -26.46
CA ASP A 317 -9.12 18.44 -26.26
C ASP A 317 -9.35 19.72 -27.06
N SER A 318 -8.80 20.85 -26.59
CA SER A 318 -8.97 22.11 -27.30
C SER A 318 -8.05 22.16 -28.51
N PHE A 319 -6.76 21.98 -28.28
CA PHE A 319 -5.73 22.02 -29.32
C PHE A 319 -6.01 21.13 -30.53
N THR A 320 -5.56 19.88 -30.48
CA THR A 320 -5.76 18.96 -31.61
C THR A 320 -7.18 18.41 -31.60
N GLY A 321 -7.98 18.85 -30.64
CA GLY A 321 -9.36 18.38 -30.56
C GLY A 321 -9.48 16.89 -30.69
N ARG A 322 -8.52 16.16 -30.14
CA ARG A 322 -8.52 14.70 -30.20
C ARG A 322 -9.37 14.14 -29.06
N LEU A 323 -9.84 12.89 -29.20
CA LEU A 323 -10.69 12.23 -28.19
C LEU A 323 -9.92 11.72 -26.95
N MET A 324 -10.18 12.32 -25.79
CA MET A 324 -9.49 11.94 -24.56
C MET A 324 -9.52 10.42 -24.28
N LYS A 325 -8.45 9.93 -23.67
CA LYS A 325 -8.32 8.51 -23.37
C LYS A 325 -9.06 8.11 -22.10
N GLY A 326 -10.37 7.89 -22.23
CA GLY A 326 -11.17 7.48 -21.08
C GLY A 326 -11.01 8.35 -19.84
N ARG A 327 -11.63 9.52 -19.89
CA ARG A 327 -11.55 10.48 -18.81
C ARG A 327 -12.94 11.02 -18.54
N ARG A 328 -13.22 11.41 -17.30
CA ARG A 328 -14.54 11.94 -16.97
C ARG A 328 -14.43 13.29 -16.28
N TYR A 329 -15.53 14.02 -16.22
CA TYR A 329 -15.55 15.31 -15.56
C TYR A 329 -15.72 15.04 -14.06
N SER A 330 -14.77 15.55 -13.28
CA SER A 330 -14.79 15.33 -11.83
C SER A 330 -15.87 16.14 -11.13
N GLU A 331 -15.93 15.91 -9.82
CA GLU A 331 -16.87 16.53 -8.88
C GLU A 331 -18.29 16.08 -9.11
N GLY A 332 -18.47 15.14 -10.04
CA GLY A 332 -19.81 14.65 -10.34
C GLY A 332 -20.56 15.50 -11.34
N LEU A 333 -19.87 15.95 -12.40
CA LEU A 333 -20.49 16.76 -13.44
C LEU A 333 -20.70 15.88 -14.67
N HIS A 334 -19.85 14.87 -14.79
CA HIS A 334 -19.86 13.92 -15.91
C HIS A 334 -21.22 13.25 -16.11
N GLN A 335 -21.73 12.67 -15.04
CA GLN A 335 -23.02 11.97 -15.07
C GLN A 335 -24.20 12.95 -15.01
N ALA A 336 -23.89 14.24 -14.97
CA ALA A 336 -24.92 15.29 -14.93
C ALA A 336 -25.28 15.62 -16.38
N ILE A 337 -24.30 15.41 -17.25
CA ILE A 337 -24.41 15.62 -18.67
C ILE A 337 -25.11 14.40 -19.20
N GLU A 338 -24.82 13.24 -18.63
CA GLU A 338 -25.48 12.02 -19.08
C GLU A 338 -26.99 12.21 -18.94
N ALA A 339 -27.41 13.06 -18.01
CA ALA A 339 -28.83 13.35 -17.80
C ALA A 339 -29.26 14.30 -18.89
N LYS A 340 -28.44 15.32 -19.09
CA LYS A 340 -28.70 16.30 -20.12
C LYS A 340 -28.82 15.59 -21.47
N GLU A 341 -27.79 14.86 -21.89
CA GLU A 341 -27.83 14.17 -23.20
C GLU A 341 -28.68 12.90 -23.20
N GLY A 342 -29.35 12.64 -22.08
CA GLY A 342 -30.21 11.48 -21.94
C GLY A 342 -29.46 10.16 -21.83
N LEU A 343 -28.27 10.12 -22.45
CA LEU A 343 -27.40 8.94 -22.46
C LEU A 343 -27.41 8.26 -21.10
N GLU A 344 -27.34 6.94 -21.11
CA GLU A 344 -27.34 6.19 -19.86
C GLU A 344 -26.35 6.76 -18.85
N ILE A 345 -26.87 7.16 -17.69
CA ILE A 345 -26.05 7.71 -16.60
C ILE A 345 -25.37 6.52 -15.92
N GLN A 346 -24.15 6.21 -16.37
CA GLN A 346 -23.40 5.08 -15.84
C GLN A 346 -22.95 5.26 -14.40
N ASN A 347 -23.67 4.59 -13.50
CA ASN A 347 -23.40 4.62 -12.07
C ASN A 347 -22.62 3.37 -11.66
N GLU A 348 -21.47 3.58 -11.01
CA GLU A 348 -20.62 2.47 -10.59
C GLU A 348 -20.27 2.50 -9.09
N SER A 349 -19.18 1.83 -8.74
CA SER A 349 -18.67 1.78 -7.38
C SER A 349 -17.29 2.44 -7.43
N MET A 350 -17.23 3.70 -7.03
CA MET A 350 -16.01 4.48 -7.04
C MET A 350 -15.00 4.11 -5.94
N THR A 351 -13.74 4.46 -6.16
CA THR A 351 -12.67 4.19 -5.19
C THR A 351 -12.72 5.28 -4.08
N LEU A 352 -12.18 5.02 -2.89
CA LEU A 352 -12.19 6.04 -1.82
C LEU A 352 -10.77 6.49 -1.46
N ALA A 353 -9.87 5.54 -1.25
CA ALA A 353 -8.50 5.86 -0.95
C ALA A 353 -7.65 4.74 -1.49
N THR A 354 -6.37 5.02 -1.73
CA THR A 354 -5.52 3.97 -2.23
C THR A 354 -4.04 4.32 -2.25
N ILE A 355 -3.24 3.29 -1.99
CA ILE A 355 -1.79 3.40 -1.99
C ILE A 355 -1.14 2.06 -2.33
N THR A 356 0.04 2.15 -2.92
CA THR A 356 0.75 0.95 -3.27
C THR A 356 1.63 0.50 -2.13
N PHE A 357 1.66 -0.80 -1.86
CA PHE A 357 2.51 -1.26 -0.79
C PHE A 357 3.85 -0.60 -0.90
N GLN A 358 4.42 -0.57 -2.10
CA GLN A 358 5.74 0.04 -2.30
C GLN A 358 5.83 1.37 -1.59
N ASN A 359 4.83 2.22 -1.81
CA ASN A 359 4.79 3.54 -1.20
C ASN A 359 4.49 3.50 0.28
N TYR A 360 3.82 2.45 0.74
CA TYR A 360 3.53 2.41 2.15
C TYR A 360 4.82 2.24 2.94
N PHE A 361 5.44 1.07 2.84
CA PHE A 361 6.66 0.81 3.61
C PHE A 361 7.82 1.76 3.40
N ARG A 362 7.58 2.81 2.63
CA ARG A 362 8.60 3.80 2.38
C ARG A 362 8.36 4.95 3.32
N MET A 363 7.17 5.00 3.91
CA MET A 363 6.79 6.05 4.86
C MET A 363 7.54 5.97 6.19
N TYR A 364 7.53 4.79 6.80
CA TYR A 364 8.23 4.59 8.06
C TYR A 364 9.60 5.26 8.01
N GLU A 365 9.99 5.98 9.05
CA GLU A 365 11.30 6.64 9.02
C GLU A 365 12.41 5.67 8.59
N LYS A 366 12.31 4.42 9.04
CA LYS A 366 13.31 3.42 8.69
C LYS A 366 12.57 2.12 8.45
N LEU A 367 13.10 1.33 7.53
CA LEU A 367 12.49 0.07 7.13
C LEU A 367 13.52 -1.04 7.02
N ALA A 368 13.08 -2.29 7.20
CA ALA A 368 13.98 -3.44 7.13
C ALA A 368 13.24 -4.76 7.10
N GLY A 369 13.91 -5.82 6.68
CA GLY A 369 13.22 -7.10 6.61
C GLY A 369 14.15 -8.29 6.67
N MET A 370 13.57 -9.44 7.00
CA MET A 370 14.33 -10.66 7.13
C MET A 370 13.70 -11.81 6.35
N THR A 371 14.56 -12.66 5.81
CA THR A 371 14.15 -13.80 5.02
C THR A 371 15.39 -14.65 4.68
N GLY A 372 15.16 -15.82 4.11
CA GLY A 372 16.27 -16.69 3.75
C GLY A 372 16.57 -16.67 2.26
N THR A 373 15.85 -15.84 1.54
CA THR A 373 16.04 -15.72 0.11
C THR A 373 15.80 -14.28 -0.30
N ALA A 374 16.85 -13.56 -0.65
CA ALA A 374 16.67 -12.20 -1.11
C ALA A 374 17.54 -11.93 -2.34
N LYS A 375 18.76 -12.46 -2.35
CA LYS A 375 19.67 -12.26 -3.48
C LYS A 375 18.98 -12.48 -4.83
N THR A 376 18.06 -13.44 -4.86
CA THR A 376 17.30 -13.70 -6.08
C THR A 376 16.73 -12.38 -6.53
N GLU A 377 15.83 -11.80 -5.74
CA GLU A 377 15.27 -10.51 -6.10
C GLU A 377 15.96 -9.35 -5.40
N GLU A 378 17.29 -9.37 -5.45
CA GLU A 378 18.15 -8.38 -4.81
C GLU A 378 18.11 -6.94 -5.29
N GLU A 379 18.18 -6.75 -6.62
CA GLU A 379 18.18 -5.40 -7.20
C GLU A 379 16.81 -4.75 -7.05
N GLU A 380 15.78 -5.57 -6.89
CA GLU A 380 14.43 -5.06 -6.69
C GLU A 380 14.49 -4.12 -5.52
N PHE A 381 15.00 -4.62 -4.39
CA PHE A 381 15.10 -3.82 -3.17
C PHE A 381 15.94 -2.57 -3.31
N ARG A 382 17.25 -2.74 -3.47
CA ARG A 382 18.14 -1.59 -3.61
C ARG A 382 17.50 -0.50 -4.46
N ASN A 383 16.78 -0.89 -5.52
CA ASN A 383 16.14 0.08 -6.41
C ASN A 383 14.89 0.74 -5.90
N ILE A 384 13.96 -0.07 -5.42
CA ILE A 384 12.69 0.44 -4.93
C ILE A 384 12.69 0.82 -3.46
N TYR A 385 13.41 0.10 -2.61
CA TYR A 385 13.43 0.44 -1.17
C TYR A 385 14.75 0.93 -0.62
N ASN A 386 15.68 1.21 -1.54
CA ASN A 386 17.01 1.70 -1.20
C ASN A 386 17.62 0.87 -0.07
N MET A 387 17.22 -0.40 0.01
CA MET A 387 17.72 -1.36 1.02
C MET A 387 18.77 -2.30 0.39
N GLN A 388 19.79 -2.72 1.15
CA GLN A 388 20.79 -3.63 0.59
C GLN A 388 20.55 -5.03 1.09
N VAL A 389 21.00 -6.03 0.36
CA VAL A 389 20.77 -7.34 0.86
C VAL A 389 22.06 -7.86 1.44
N VAL A 390 22.07 -8.12 2.74
CA VAL A 390 23.27 -8.61 3.36
C VAL A 390 23.06 -10.07 3.69
N THR A 391 23.81 -10.93 3.02
CA THR A 391 23.67 -12.34 3.28
C THR A 391 24.46 -12.73 4.53
N ILE A 392 23.75 -13.11 5.59
CA ILE A 392 24.40 -13.50 6.85
C ILE A 392 24.82 -14.97 6.88
N PRO A 393 26.03 -15.26 7.38
CA PRO A 393 26.54 -16.64 7.46
C PRO A 393 25.59 -17.60 8.16
N THR A 394 25.91 -18.88 8.11
CA THR A 394 25.09 -19.90 8.76
C THR A 394 25.75 -20.30 10.06
N ASN A 395 24.95 -20.46 11.10
CA ASN A 395 25.45 -20.85 12.41
C ASN A 395 26.53 -21.92 12.26
N ARG A 396 26.20 -22.98 11.54
CA ARG A 396 27.09 -24.10 11.29
C ARG A 396 27.19 -24.32 9.77
N PRO A 397 28.39 -24.69 9.28
CA PRO A 397 28.57 -24.93 7.84
C PRO A 397 27.60 -25.97 7.33
N VAL A 398 27.09 -25.70 6.12
CA VAL A 398 26.12 -26.52 5.41
C VAL A 398 26.77 -27.66 4.68
N VAL A 399 26.23 -28.85 4.91
CA VAL A 399 26.72 -30.06 4.28
C VAL A 399 25.47 -30.84 3.89
N ARG A 400 24.77 -30.34 2.86
CA ARG A 400 23.56 -30.98 2.36
C ARG A 400 23.75 -31.27 0.87
N ASP A 401 23.07 -32.31 0.39
CA ASP A 401 23.14 -32.78 -1.01
C ASP A 401 22.25 -32.02 -1.97
N ASP A 402 22.77 -30.97 -2.60
CA ASP A 402 21.99 -30.21 -3.56
C ASP A 402 22.15 -30.84 -4.94
N ARG A 403 21.55 -32.01 -5.12
CA ARG A 403 21.60 -32.78 -6.35
C ARG A 403 21.05 -32.02 -7.52
N PRO A 404 21.70 -32.17 -8.69
CA PRO A 404 21.35 -31.52 -9.96
C PRO A 404 20.05 -32.06 -10.53
N ASP A 405 19.30 -31.18 -11.18
CA ASP A 405 18.04 -31.54 -11.75
C ASP A 405 18.14 -32.77 -12.64
N LEU A 406 17.01 -33.48 -12.71
CA LEU A 406 16.88 -34.70 -13.51
C LEU A 406 15.80 -34.45 -14.56
N ILE A 407 16.23 -34.16 -15.78
CA ILE A 407 15.30 -33.91 -16.88
C ILE A 407 14.64 -35.18 -17.43
N TYR A 408 13.33 -35.11 -17.66
CA TYR A 408 12.54 -36.22 -18.18
C TYR A 408 11.80 -35.80 -19.45
N ARG A 409 11.66 -36.75 -20.37
CA ARG A 409 10.98 -36.50 -21.65
C ARG A 409 9.47 -36.63 -21.45
N THR A 410 9.06 -37.70 -20.78
CA THR A 410 7.65 -37.95 -20.52
C THR A 410 7.21 -37.29 -19.21
N MET A 411 6.22 -36.40 -19.29
CA MET A 411 5.67 -35.68 -18.12
C MET A 411 5.06 -36.62 -17.09
N GLU A 412 4.10 -37.41 -17.54
CA GLU A 412 3.43 -38.37 -16.68
C GLU A 412 4.41 -39.51 -16.44
N GLY A 413 5.60 -39.38 -17.02
CA GLY A 413 6.62 -40.39 -16.83
C GLY A 413 7.54 -40.04 -15.69
N LYS A 414 7.81 -38.76 -15.52
CA LYS A 414 8.69 -38.35 -14.44
C LYS A 414 8.00 -38.63 -13.12
N PHE A 415 6.72 -38.28 -13.02
CA PHE A 415 5.98 -38.52 -11.78
C PHE A 415 6.12 -39.94 -11.29
N LYS A 416 6.14 -40.90 -12.20
CA LYS A 416 6.30 -42.29 -11.83
C LYS A 416 7.64 -42.45 -11.11
N ALA A 417 8.64 -41.67 -11.53
CA ALA A 417 9.96 -41.75 -10.91
C ALA A 417 9.92 -41.05 -9.56
N VAL A 418 9.30 -39.88 -9.52
CA VAL A 418 9.18 -39.09 -8.29
C VAL A 418 8.42 -39.87 -7.24
N ALA A 419 7.23 -40.33 -7.64
CA ALA A 419 6.38 -41.10 -6.75
C ALA A 419 7.16 -42.29 -6.21
N GLU A 420 8.02 -42.86 -7.05
CA GLU A 420 8.80 -44.00 -6.63
C GLU A 420 9.88 -43.58 -5.64
N ASP A 421 10.51 -42.44 -5.92
CA ASP A 421 11.56 -41.93 -5.03
C ASP A 421 11.04 -41.91 -3.60
N VAL A 422 9.98 -41.14 -3.38
CA VAL A 422 9.40 -41.02 -2.06
C VAL A 422 9.10 -42.40 -1.49
N ALA A 423 8.66 -43.31 -2.34
CA ALA A 423 8.35 -44.65 -1.92
C ALA A 423 9.50 -45.33 -1.20
N GLN A 424 10.66 -45.40 -1.84
CA GLN A 424 11.81 -46.02 -1.18
C GLN A 424 12.36 -45.17 -0.05
N ARG A 425 12.33 -43.85 -0.21
CA ARG A 425 12.81 -42.93 0.83
C ARG A 425 12.01 -43.27 2.09
N TYR A 426 10.70 -43.43 1.90
CA TYR A 426 9.81 -43.75 2.98
C TYR A 426 10.14 -45.12 3.57
N MET A 427 10.17 -46.15 2.73
CA MET A 427 10.46 -47.50 3.20
C MET A 427 11.71 -47.62 4.05
N THR A 428 12.67 -46.72 3.87
CA THR A 428 13.87 -46.79 4.67
C THR A 428 13.63 -46.09 6.00
N GLY A 429 12.48 -45.43 6.12
CA GLY A 429 12.16 -44.73 7.35
C GLY A 429 12.58 -43.27 7.33
N GLN A 430 13.28 -42.85 6.28
CA GLN A 430 13.74 -41.46 6.15
C GLN A 430 12.54 -40.58 5.77
N PRO A 431 12.48 -39.34 6.31
CA PRO A 431 11.40 -38.39 6.03
C PRO A 431 11.48 -37.80 4.61
N VAL A 432 10.39 -37.20 4.12
CA VAL A 432 10.37 -36.65 2.77
C VAL A 432 9.35 -35.53 2.53
N LEU A 433 9.81 -34.48 1.87
CA LEU A 433 8.95 -33.36 1.54
C LEU A 433 8.95 -33.19 0.03
N VAL A 434 7.82 -33.54 -0.59
CA VAL A 434 7.65 -33.46 -2.03
C VAL A 434 7.00 -32.11 -2.35
N GLY A 435 7.77 -31.17 -2.90
CA GLY A 435 7.22 -29.87 -3.21
C GLY A 435 6.64 -29.77 -4.60
N THR A 436 5.45 -29.19 -4.72
CA THR A 436 4.82 -29.08 -6.02
C THR A 436 4.65 -27.63 -6.47
N VAL A 437 3.85 -27.41 -7.50
CA VAL A 437 3.62 -26.06 -8.01
C VAL A 437 2.14 -25.73 -8.09
N ALA A 438 1.32 -26.70 -8.48
CA ALA A 438 -0.12 -26.48 -8.58
C ALA A 438 -0.84 -27.58 -7.81
N VAL A 439 -2.07 -27.26 -7.38
CA VAL A 439 -2.89 -28.20 -6.63
C VAL A 439 -3.13 -29.48 -7.44
N GLU A 440 -3.52 -29.30 -8.70
CA GLU A 440 -3.78 -30.43 -9.58
C GLU A 440 -2.58 -31.40 -9.60
N THR A 441 -1.38 -30.85 -9.53
CA THR A 441 -0.15 -31.67 -9.56
C THR A 441 0.19 -32.33 -8.23
N SER A 442 -0.21 -31.67 -7.15
CA SER A 442 0.05 -32.19 -5.81
C SER A 442 -0.92 -33.33 -5.50
N GLU A 443 -2.19 -33.16 -5.85
CA GLU A 443 -3.16 -34.22 -5.58
C GLU A 443 -2.91 -35.45 -6.46
N LEU A 444 -2.33 -35.21 -7.63
CA LEU A 444 -2.01 -36.29 -8.56
C LEU A 444 -0.93 -37.16 -7.92
N ILE A 445 0.16 -36.52 -7.50
CA ILE A 445 1.25 -37.25 -6.87
C ILE A 445 0.74 -37.81 -5.54
N SER A 446 -0.41 -37.31 -5.09
CA SER A 446 -1.01 -37.78 -3.84
C SER A 446 -1.62 -39.16 -4.08
N LYS A 447 -2.62 -39.21 -4.96
CA LYS A 447 -3.26 -40.47 -5.28
C LYS A 447 -2.28 -41.40 -5.97
N LEU A 448 -1.26 -40.81 -6.58
CA LEU A 448 -0.26 -41.59 -7.27
C LEU A 448 0.48 -42.52 -6.33
N LEU A 449 0.59 -42.14 -5.06
CA LEU A 449 1.28 -43.01 -4.13
C LEU A 449 0.30 -43.70 -3.18
N LYS A 450 -0.98 -43.33 -3.28
CA LYS A 450 -2.01 -43.96 -2.45
C LYS A 450 -2.10 -45.39 -2.96
N ASN A 451 -2.14 -45.50 -4.28
CA ASN A 451 -2.21 -46.78 -4.93
C ASN A 451 -0.84 -47.47 -4.82
N LYS A 452 0.14 -46.74 -4.32
CA LYS A 452 1.48 -47.27 -4.16
C LYS A 452 1.62 -47.87 -2.75
N GLY A 453 0.70 -47.50 -1.88
CA GLY A 453 0.71 -48.02 -0.52
C GLY A 453 1.59 -47.22 0.42
N ILE A 454 1.42 -45.90 0.39
CA ILE A 454 2.21 -45.01 1.23
C ILE A 454 1.36 -43.95 1.91
N PRO A 455 1.49 -43.84 3.23
CA PRO A 455 0.73 -42.85 4.02
C PRO A 455 1.29 -41.47 3.73
N HIS A 456 0.40 -40.48 3.72
CA HIS A 456 0.81 -39.11 3.41
C HIS A 456 -0.25 -38.10 3.82
N GLN A 457 -0.02 -36.84 3.49
CA GLN A 457 -0.96 -35.78 3.82
C GLN A 457 -0.65 -34.50 3.04
N VAL A 458 -1.65 -34.00 2.34
CA VAL A 458 -1.53 -32.78 1.54
C VAL A 458 -1.66 -31.55 2.43
N LEU A 459 -1.22 -30.40 1.93
CA LEU A 459 -1.29 -29.15 2.69
C LEU A 459 -2.23 -28.10 2.10
N ASN A 460 -3.38 -27.91 2.76
CA ASN A 460 -4.41 -26.94 2.35
C ASN A 460 -4.32 -25.69 3.27
N ALA A 461 -4.62 -24.50 2.75
CA ALA A 461 -4.57 -23.27 3.57
C ALA A 461 -5.89 -23.04 4.34
N LYS A 462 -6.48 -24.14 4.83
CA LYS A 462 -7.72 -24.10 5.62
C LYS A 462 -7.48 -23.08 6.73
N ASN A 463 -6.29 -23.18 7.32
CA ASN A 463 -5.77 -22.26 8.34
C ASN A 463 -4.34 -22.63 8.62
N HIS A 464 -3.48 -21.63 8.49
CA HIS A 464 -2.06 -21.75 8.70
C HIS A 464 -1.73 -22.53 9.99
N GLU A 465 -2.68 -22.62 10.91
CA GLU A 465 -2.41 -23.35 12.14
C GLU A 465 -2.40 -24.82 11.82
N ARG A 466 -3.35 -25.20 10.97
CA ARG A 466 -3.50 -26.57 10.52
C ARG A 466 -2.27 -26.99 9.72
N GLU A 467 -1.79 -26.09 8.87
CA GLU A 467 -0.60 -26.38 8.05
C GLU A 467 0.59 -26.49 8.98
N ALA A 468 0.78 -25.45 9.79
CA ALA A 468 1.88 -25.40 10.75
C ALA A 468 1.94 -26.68 11.55
N GLN A 469 0.81 -27.08 12.12
CA GLN A 469 0.76 -28.30 12.92
C GLN A 469 1.34 -29.50 12.18
N ILE A 470 0.96 -29.68 10.91
CA ILE A 470 1.44 -30.78 10.09
C ILE A 470 2.95 -30.71 9.93
N ILE A 471 3.43 -29.55 9.53
CA ILE A 471 4.84 -29.34 9.32
C ILE A 471 5.67 -29.76 10.52
N GLU A 472 5.18 -29.44 11.73
CA GLU A 472 5.88 -29.77 12.97
C GLU A 472 6.38 -31.20 12.92
N GLU A 473 5.47 -32.14 12.73
CA GLU A 473 5.84 -33.54 12.67
C GLU A 473 6.17 -33.95 11.23
N ALA A 474 6.83 -33.07 10.48
CA ALA A 474 7.20 -33.37 9.10
C ALA A 474 8.64 -33.87 8.99
N GLY A 475 9.28 -34.10 10.12
CA GLY A 475 10.65 -34.60 10.11
C GLY A 475 10.80 -35.95 10.80
N GLN A 476 9.68 -36.52 11.23
CA GLN A 476 9.65 -37.81 11.92
C GLN A 476 9.80 -38.94 10.92
N LYS A 477 10.10 -40.14 11.44
CA LYS A 477 10.32 -41.31 10.59
C LYS A 477 9.28 -41.63 9.51
N GLY A 478 7.99 -41.49 9.82
CA GLY A 478 7.00 -41.79 8.80
C GLY A 478 6.68 -40.61 7.91
N ALA A 479 7.48 -39.55 8.01
CA ALA A 479 7.25 -38.33 7.23
C ALA A 479 7.16 -38.46 5.71
N VAL A 480 6.05 -37.92 5.20
CA VAL A 480 5.73 -37.91 3.78
C VAL A 480 4.71 -36.81 3.64
N THR A 481 5.21 -35.60 3.36
CA THR A 481 4.36 -34.43 3.25
C THR A 481 4.32 -33.83 1.86
N ILE A 482 3.13 -33.36 1.48
CA ILE A 482 2.90 -32.74 0.19
C ILE A 482 2.57 -31.27 0.40
N ALA A 483 3.52 -30.41 0.05
CA ALA A 483 3.35 -28.96 0.19
C ALA A 483 3.10 -28.31 -1.17
N THR A 484 1.96 -27.67 -1.31
CA THR A 484 1.60 -27.02 -2.56
C THR A 484 2.62 -25.96 -2.95
N ASN A 485 2.65 -24.86 -2.21
CA ASN A 485 3.57 -23.76 -2.47
C ASN A 485 4.18 -23.30 -1.15
N MET A 486 4.74 -24.24 -0.41
CA MET A 486 5.35 -23.92 0.88
C MET A 486 4.22 -23.54 1.85
N ALA A 487 3.36 -24.49 2.19
CA ALA A 487 2.24 -24.17 3.07
C ALA A 487 2.66 -23.65 4.45
N GLY A 488 3.92 -23.85 4.80
CA GLY A 488 4.37 -23.36 6.09
C GLY A 488 5.64 -22.57 5.94
N ARG A 489 5.55 -21.26 6.04
CA ARG A 489 6.75 -20.50 5.90
C ARG A 489 7.54 -20.49 7.20
N GLY A 490 6.96 -19.82 8.20
CA GLY A 490 7.59 -19.67 9.51
C GLY A 490 7.92 -20.95 10.23
N THR A 491 6.92 -21.80 10.44
CA THR A 491 7.10 -23.08 11.13
C THR A 491 8.24 -23.90 10.47
N ASP A 492 9.42 -23.98 11.11
CA ASP A 492 10.55 -24.73 10.55
C ASP A 492 10.50 -26.22 10.88
N ILE A 493 10.99 -27.07 9.97
CA ILE A 493 10.97 -28.52 10.19
C ILE A 493 12.16 -29.04 10.98
N LYS A 494 11.90 -29.47 12.22
CA LYS A 494 12.91 -29.99 13.12
C LYS A 494 13.10 -31.49 12.86
N LEU A 495 14.33 -31.88 12.54
CA LEU A 495 14.64 -33.27 12.27
C LEU A 495 14.07 -34.20 13.31
N GLY A 496 13.54 -35.33 12.85
CA GLY A 496 12.96 -36.31 13.77
C GLY A 496 13.95 -37.12 14.59
N GLU A 497 13.44 -37.83 15.58
CA GLU A 497 14.29 -38.63 16.44
C GLU A 497 14.86 -39.86 15.69
N GLY A 498 16.13 -39.75 15.30
CA GLY A 498 16.78 -40.84 14.59
C GLY A 498 17.06 -40.49 13.14
N VAL A 499 16.21 -39.62 12.57
CA VAL A 499 16.36 -39.20 11.18
C VAL A 499 17.78 -38.76 10.86
N LYS A 500 18.45 -38.19 11.84
CA LYS A 500 19.81 -37.72 11.68
C LYS A 500 20.72 -38.79 11.05
N GLU A 501 20.51 -40.05 11.47
CA GLU A 501 21.29 -41.20 11.00
C GLU A 501 20.78 -41.81 9.69
N LEU A 502 19.46 -41.98 9.60
CA LEU A 502 18.86 -42.52 8.40
C LEU A 502 19.31 -41.69 7.19
N GLY A 503 19.79 -40.49 7.46
CA GLY A 503 20.22 -39.58 6.41
C GLY A 503 19.78 -38.18 6.77
N GLY A 504 18.58 -37.81 6.36
CA GLY A 504 18.05 -36.48 6.69
C GLY A 504 16.68 -36.28 6.09
N LEU A 505 16.26 -35.04 5.90
CA LEU A 505 14.98 -34.81 5.28
C LEU A 505 15.24 -34.76 3.79
N ALA A 506 14.61 -35.66 3.04
CA ALA A 506 14.81 -35.68 1.60
C ALA A 506 13.73 -34.84 0.97
N VAL A 507 14.09 -33.63 0.54
CA VAL A 507 13.12 -32.76 -0.09
C VAL A 507 13.21 -32.96 -1.60
N VAL A 508 12.07 -33.28 -2.22
CA VAL A 508 12.03 -33.54 -3.63
C VAL A 508 11.04 -32.67 -4.36
N GLY A 509 11.56 -31.80 -5.22
CA GLY A 509 10.73 -30.91 -5.97
C GLY A 509 10.12 -31.54 -7.20
N THR A 510 8.79 -31.53 -7.25
CA THR A 510 7.98 -32.06 -8.36
C THR A 510 8.39 -31.41 -9.64
N GLU A 511 8.12 -30.12 -9.72
CA GLU A 511 8.43 -29.36 -10.90
C GLU A 511 9.41 -28.26 -10.52
N ARG A 512 9.51 -27.24 -11.36
CA ARG A 512 10.40 -26.11 -11.10
C ARG A 512 9.56 -24.85 -11.26
N HIS A 513 9.76 -23.88 -10.40
CA HIS A 513 8.98 -22.66 -10.48
C HIS A 513 9.43 -21.62 -11.52
N GLU A 514 8.75 -20.48 -11.56
CA GLU A 514 9.06 -19.40 -12.49
C GLU A 514 10.26 -18.58 -11.94
N SER A 515 10.22 -18.27 -10.65
CA SER A 515 11.29 -17.52 -9.95
C SER A 515 12.07 -18.48 -9.06
N ARG A 516 13.39 -18.43 -9.13
CA ARG A 516 14.22 -19.35 -8.36
C ARG A 516 13.97 -19.36 -6.88
N ARG A 517 13.58 -18.22 -6.33
CA ARG A 517 13.35 -18.22 -4.92
C ARG A 517 12.24 -19.16 -4.50
N ILE A 518 11.02 -18.96 -4.96
CA ILE A 518 9.95 -19.85 -4.50
C ILE A 518 10.35 -21.32 -4.36
N ASP A 519 11.37 -21.75 -5.08
CA ASP A 519 11.79 -23.14 -4.96
C ASP A 519 13.12 -23.20 -4.22
N ASN A 520 13.74 -22.04 -3.99
CA ASN A 520 14.98 -21.99 -3.22
C ASN A 520 14.58 -22.09 -1.75
N GLN A 521 13.35 -21.65 -1.49
CA GLN A 521 12.79 -21.70 -0.15
C GLN A 521 12.49 -23.15 0.15
N LEU A 522 11.90 -23.83 -0.83
CA LEU A 522 11.57 -25.25 -0.70
C LEU A 522 12.84 -26.04 -0.48
N ARG A 523 13.75 -25.93 -1.44
CA ARG A 523 15.01 -26.62 -1.40
C ARG A 523 15.72 -26.38 -0.09
N GLY A 524 15.40 -25.26 0.55
CA GLY A 524 16.02 -24.94 1.81
C GLY A 524 15.36 -25.54 3.04
N ARG A 525 14.24 -26.25 2.88
CA ARG A 525 13.54 -26.84 4.01
C ARG A 525 14.33 -27.94 4.75
N SER A 526 15.57 -28.16 4.32
CA SER A 526 16.47 -29.16 4.90
C SER A 526 17.82 -28.53 5.26
N GLY A 527 18.67 -29.22 6.02
CA GLY A 527 19.97 -28.66 6.37
C GLY A 527 19.96 -27.64 7.51
N ARG A 528 18.96 -27.72 8.37
CA ARG A 528 18.84 -26.82 9.49
C ARG A 528 19.99 -27.09 10.44
N GLN A 529 20.78 -26.06 10.73
CA GLN A 529 21.91 -26.17 11.65
C GLN A 529 22.92 -27.22 11.24
N GLY A 530 23.33 -27.22 9.99
CA GLY A 530 24.28 -28.21 9.54
C GLY A 530 23.66 -29.59 9.37
N ASP A 531 22.36 -29.74 9.60
CA ASP A 531 21.72 -31.06 9.42
C ASP A 531 21.98 -31.65 8.03
N PRO A 532 22.09 -32.99 7.95
CA PRO A 532 22.34 -33.61 6.64
C PRO A 532 21.01 -33.81 5.93
N GLY A 533 20.98 -33.56 4.63
CA GLY A 533 19.75 -33.70 3.86
C GLY A 533 19.98 -33.83 2.36
N ILE A 534 18.95 -34.25 1.65
CA ILE A 534 19.05 -34.42 0.21
C ILE A 534 17.85 -33.77 -0.51
N THR A 535 18.18 -32.85 -1.41
CA THR A 535 17.20 -32.12 -2.20
C THR A 535 17.37 -32.55 -3.65
N GLN A 536 16.25 -32.72 -4.34
CA GLN A 536 16.28 -33.11 -5.73
C GLN A 536 15.09 -32.55 -6.46
N PHE A 537 15.35 -31.82 -7.52
CA PHE A 537 14.27 -31.26 -8.30
C PHE A 537 14.09 -32.09 -9.56
N TYR A 538 12.89 -32.60 -9.77
CA TYR A 538 12.64 -33.40 -10.96
C TYR A 538 12.05 -32.42 -11.98
N LEU A 539 12.50 -32.51 -13.22
CA LEU A 539 11.97 -31.60 -14.24
C LEU A 539 11.62 -32.36 -15.53
N SER A 540 10.42 -32.10 -16.04
CA SER A 540 9.88 -32.74 -17.26
C SER A 540 10.12 -31.92 -18.53
N MET A 541 10.02 -32.57 -19.69
CA MET A 541 10.21 -31.85 -20.93
C MET A 541 8.88 -31.31 -21.45
N GLU A 542 7.82 -31.62 -20.73
CA GLU A 542 6.46 -31.18 -21.05
C GLU A 542 6.02 -30.20 -19.96
N ASP A 543 6.92 -29.97 -19.00
CA ASP A 543 6.72 -29.07 -17.88
C ASP A 543 6.28 -27.72 -18.45
N GLU A 544 5.15 -27.19 -17.99
CA GLU A 544 4.63 -25.91 -18.49
C GLU A 544 5.67 -24.80 -18.54
N LEU A 545 6.73 -24.92 -17.77
CA LEU A 545 7.73 -23.89 -17.81
C LEU A 545 8.59 -24.04 -19.06
N MET A 546 8.79 -25.28 -19.52
CA MET A 546 9.58 -25.51 -20.73
C MET A 546 8.85 -24.91 -21.90
N ARG A 547 7.54 -25.09 -21.91
CA ARG A 547 6.77 -24.53 -22.98
C ARG A 547 6.77 -23.02 -22.84
N ARG A 548 6.92 -22.52 -21.62
CA ARG A 548 6.92 -21.07 -21.38
C ARG A 548 8.23 -20.38 -21.76
N PHE A 549 9.30 -21.16 -21.74
CA PHE A 549 10.61 -20.63 -22.08
C PHE A 549 10.98 -20.84 -23.54
N GLY A 550 10.17 -21.61 -24.27
CA GLY A 550 10.44 -21.83 -25.67
C GLY A 550 11.58 -22.82 -25.94
N ALA A 551 11.68 -23.83 -25.09
CA ALA A 551 12.72 -24.84 -25.24
C ALA A 551 12.35 -25.95 -26.23
N GLU A 552 11.72 -25.59 -27.34
CA GLU A 552 11.33 -26.56 -28.36
C GLU A 552 12.51 -27.18 -29.08
N ARG A 553 13.54 -26.39 -29.36
CA ARG A 553 14.71 -26.95 -30.02
C ARG A 553 15.24 -28.05 -29.14
N THR A 554 15.47 -27.74 -27.87
CA THR A 554 15.99 -28.74 -26.98
C THR A 554 15.09 -29.95 -26.88
N MET A 555 13.81 -29.75 -27.12
CA MET A 555 12.85 -30.84 -27.08
C MET A 555 13.08 -31.71 -28.31
N ALA A 556 13.47 -31.07 -29.42
CA ALA A 556 13.73 -31.80 -30.66
C ALA A 556 15.01 -32.60 -30.60
N MET A 557 16.13 -31.92 -30.45
CA MET A 557 17.40 -32.61 -30.38
C MET A 557 17.39 -33.72 -29.37
N LEU A 558 16.45 -33.68 -28.43
CA LEU A 558 16.37 -34.72 -27.41
C LEU A 558 15.66 -35.95 -27.97
N ASP A 559 14.75 -35.74 -28.93
CA ASP A 559 14.06 -36.86 -29.53
C ASP A 559 14.80 -37.31 -30.80
N ARG A 560 15.78 -36.51 -31.21
CA ARG A 560 16.56 -36.82 -32.40
C ARG A 560 17.81 -37.60 -31.99
N PHE A 561 17.99 -37.79 -30.69
CA PHE A 561 19.14 -38.52 -30.20
C PHE A 561 18.76 -39.70 -29.32
N GLY A 562 17.60 -40.27 -29.61
CA GLY A 562 17.09 -41.42 -28.87
C GLY A 562 17.20 -41.34 -27.36
N MET A 563 17.21 -40.11 -26.85
CA MET A 563 17.32 -39.84 -25.42
C MET A 563 16.07 -40.25 -24.64
N ASP A 564 14.90 -39.99 -25.20
CA ASP A 564 13.63 -40.35 -24.56
C ASP A 564 13.51 -41.84 -24.23
N ASP A 565 14.61 -42.56 -24.29
CA ASP A 565 14.62 -43.98 -23.97
C ASP A 565 15.36 -44.18 -22.64
N SER A 566 16.34 -43.30 -22.37
CA SER A 566 17.12 -43.32 -21.10
C SER A 566 16.40 -42.36 -20.14
N THR A 567 15.54 -42.93 -19.31
CA THR A 567 14.72 -42.19 -18.36
C THR A 567 15.41 -40.94 -17.80
N PRO A 568 16.34 -41.09 -16.82
CA PRO A 568 17.00 -39.91 -16.26
C PRO A 568 18.11 -39.32 -17.11
N ILE A 569 18.28 -38.01 -17.05
CA ILE A 569 19.32 -37.32 -17.80
C ILE A 569 19.63 -35.95 -17.23
N GLN A 570 20.90 -35.72 -16.88
CA GLN A 570 21.32 -34.44 -16.33
C GLN A 570 22.08 -33.69 -17.41
N SER A 571 22.05 -32.37 -17.34
CA SER A 571 22.76 -31.57 -18.33
C SER A 571 22.93 -30.12 -17.92
N LYS A 572 24.09 -29.56 -18.20
CA LYS A 572 24.33 -28.18 -17.85
C LYS A 572 23.54 -27.29 -18.83
N MET A 573 23.90 -27.34 -20.11
CA MET A 573 23.26 -26.52 -21.16
C MET A 573 21.74 -26.64 -21.22
N VAL A 574 21.15 -27.02 -20.08
CA VAL A 574 19.70 -27.16 -19.93
C VAL A 574 19.29 -26.63 -18.55
N SER A 575 20.07 -26.92 -17.52
CA SER A 575 19.76 -26.43 -16.17
C SER A 575 20.25 -25.02 -16.00
N ARG A 576 21.42 -24.73 -16.57
CA ARG A 576 22.01 -23.39 -16.54
C ARG A 576 21.21 -22.58 -17.55
N ALA A 577 20.26 -23.23 -18.21
CA ALA A 577 19.43 -22.57 -19.18
C ALA A 577 18.11 -22.24 -18.54
N VAL A 578 17.57 -23.20 -17.80
CA VAL A 578 16.29 -22.98 -17.13
C VAL A 578 16.42 -21.88 -16.08
N GLU A 579 17.65 -21.59 -15.67
CA GLU A 579 17.86 -20.53 -14.69
C GLU A 579 17.89 -19.19 -15.41
N SER A 580 18.76 -19.04 -16.40
CA SER A 580 18.84 -17.80 -17.15
C SER A 580 17.48 -17.39 -17.66
N SER A 581 16.63 -18.36 -17.92
CA SER A 581 15.31 -18.06 -18.40
C SER A 581 14.47 -17.54 -17.24
N GLN A 582 14.65 -18.13 -16.07
CA GLN A 582 13.92 -17.69 -14.89
C GLN A 582 14.27 -16.22 -14.60
N LYS A 583 15.56 -15.87 -14.67
CA LYS A 583 15.99 -14.49 -14.43
C LYS A 583 15.17 -13.52 -15.27
N ARG A 584 14.88 -13.91 -16.51
CA ARG A 584 14.10 -13.08 -17.41
C ARG A 584 12.69 -12.86 -16.88
N VAL A 585 12.17 -13.86 -16.20
CA VAL A 585 10.83 -13.76 -15.62
C VAL A 585 10.90 -12.81 -14.42
N GLU A 586 11.96 -12.98 -13.63
CA GLU A 586 12.18 -12.16 -12.46
C GLU A 586 12.46 -10.72 -12.88
N GLY A 587 13.07 -10.56 -14.04
CA GLY A 587 13.37 -9.22 -14.53
C GLY A 587 12.14 -8.54 -15.08
N ASN A 588 11.14 -9.33 -15.44
CA ASN A 588 9.92 -8.76 -15.96
C ASN A 588 9.01 -8.38 -14.84
N ASN A 589 8.86 -9.27 -13.87
CA ASN A 589 7.99 -8.98 -12.72
C ASN A 589 8.41 -7.68 -12.07
N PHE A 590 9.72 -7.45 -12.02
CA PHE A 590 10.30 -6.23 -11.44
C PHE A 590 9.89 -5.04 -12.33
N ASP A 591 9.97 -5.20 -13.64
CA ASP A 591 9.59 -4.10 -14.51
C ASP A 591 8.12 -3.74 -14.26
N SER A 592 7.28 -4.75 -14.06
CA SER A 592 5.85 -4.57 -13.77
C SER A 592 5.65 -3.70 -12.54
N ARG A 593 6.06 -4.23 -11.40
CA ARG A 593 5.94 -3.50 -10.16
C ARG A 593 6.55 -2.10 -10.38
N LYS A 594 7.73 -2.01 -10.99
CA LYS A 594 8.34 -0.68 -11.18
C LYS A 594 7.44 0.19 -12.04
N GLN A 595 6.68 -0.44 -12.94
CA GLN A 595 5.76 0.28 -13.80
C GLN A 595 4.53 0.67 -13.00
N LEU A 596 4.14 -0.21 -12.10
CA LEU A 596 2.98 0.03 -11.24
C LEU A 596 3.25 1.20 -10.29
N LEU A 597 4.37 1.12 -9.55
CA LEU A 597 4.76 2.15 -8.58
C LEU A 597 4.82 3.53 -9.22
N GLN A 598 5.42 3.62 -10.40
CA GLN A 598 5.53 4.92 -11.05
C GLN A 598 4.19 5.60 -11.24
N TYR A 599 3.18 4.86 -11.66
CA TYR A 599 1.85 5.44 -11.85
C TYR A 599 1.27 5.94 -10.51
N ASP A 600 1.44 5.13 -9.46
CA ASP A 600 0.95 5.46 -8.12
C ASP A 600 1.78 6.64 -7.67
N ASP A 601 3.06 6.63 -8.02
CA ASP A 601 3.94 7.71 -7.62
C ASP A 601 3.30 9.05 -7.89
N VAL A 602 2.34 9.09 -8.81
CA VAL A 602 1.70 10.36 -9.09
C VAL A 602 0.73 10.68 -7.99
N LEU A 603 -0.03 9.68 -7.58
CA LEU A 603 -0.99 9.83 -6.51
C LEU A 603 -0.30 10.22 -5.20
N ARG A 604 0.79 9.53 -4.89
CA ARG A 604 1.55 9.81 -3.68
C ARG A 604 2.14 11.22 -3.65
N GLN A 605 1.95 12.02 -4.69
CA GLN A 605 2.46 13.38 -4.64
C GLN A 605 1.20 14.20 -4.38
N GLN A 606 0.05 13.56 -4.63
CA GLN A 606 -1.26 14.17 -4.44
C GLN A 606 -1.82 13.82 -3.07
N ARG A 607 -1.73 12.55 -2.69
CA ARG A 607 -2.22 12.13 -1.39
C ARG A 607 -1.65 12.98 -0.28
N GLU A 608 -0.33 13.05 -0.18
CA GLU A 608 0.24 13.84 0.89
C GLU A 608 -0.30 15.28 0.90
N VAL A 609 -0.46 15.91 -0.27
CA VAL A 609 -0.95 17.29 -0.31
C VAL A 609 -2.35 17.43 0.32
N ILE A 610 -3.20 16.44 0.07
CA ILE A 610 -4.56 16.43 0.60
C ILE A 610 -4.59 15.86 2.02
N TYR A 611 -3.82 14.80 2.24
CA TYR A 611 -3.76 14.20 3.56
C TYR A 611 -3.16 15.16 4.59
N LYS A 612 -1.99 15.73 4.35
CA LYS A 612 -1.49 16.65 5.34
C LYS A 612 -2.51 17.77 5.53
N GLN A 613 -3.11 18.26 4.46
CA GLN A 613 -4.08 19.35 4.59
C GLN A 613 -5.36 18.88 5.30
N ARG A 614 -5.73 17.62 5.10
CA ARG A 614 -6.94 17.12 5.74
C ARG A 614 -6.73 16.85 7.23
N PHE A 615 -5.58 16.26 7.54
CA PHE A 615 -5.19 15.96 8.90
C PHE A 615 -5.03 17.28 9.61
N GLU A 616 -4.32 18.21 8.99
CA GLU A 616 -4.13 19.52 9.58
C GLU A 616 -5.46 20.08 10.04
N VAL A 617 -6.52 19.85 9.27
CA VAL A 617 -7.84 20.37 9.64
C VAL A 617 -8.45 19.51 10.74
N ILE A 618 -8.47 18.21 10.47
CA ILE A 618 -9.00 17.26 11.40
C ILE A 618 -8.55 17.55 12.80
N ASP A 619 -7.26 17.91 12.93
CA ASP A 619 -6.67 18.21 14.23
C ASP A 619 -6.11 19.62 14.29
N SER A 620 -6.91 20.59 14.70
CA SER A 620 -6.41 21.95 14.76
C SER A 620 -7.01 22.79 15.86
N GLU A 621 -6.20 23.74 16.36
CA GLU A 621 -6.59 24.68 17.42
C GLU A 621 -7.55 25.69 16.77
N ASN A 622 -7.02 26.55 15.90
CA ASN A 622 -7.81 27.55 15.14
C ASN A 622 -7.83 27.13 13.66
N LEU A 623 -8.97 27.35 13.01
CA LEU A 623 -9.20 26.97 11.63
C LEU A 623 -9.43 28.18 10.72
N ARG A 624 -9.44 29.38 11.31
CA ARG A 624 -9.67 30.57 10.51
C ARG A 624 -8.49 30.86 9.57
N GLU A 625 -7.27 30.61 10.01
CA GLU A 625 -6.10 30.85 9.16
C GLU A 625 -6.18 29.97 7.91
N ILE A 626 -6.66 28.74 8.09
CA ILE A 626 -6.79 27.85 6.96
C ILE A 626 -7.88 28.37 6.03
N VAL A 627 -9.12 28.33 6.51
CA VAL A 627 -10.28 28.78 5.74
C VAL A 627 -10.04 30.14 5.08
N GLU A 628 -9.57 31.11 5.84
CA GLU A 628 -9.31 32.40 5.24
C GLU A 628 -8.34 32.22 4.09
N ASN A 629 -7.16 31.69 4.39
CA ASN A 629 -6.17 31.50 3.33
C ASN A 629 -6.78 30.91 2.05
N MET A 630 -7.67 29.93 2.19
CA MET A 630 -8.29 29.33 1.03
C MET A 630 -9.19 30.35 0.35
N ILE A 631 -9.81 31.22 1.13
CA ILE A 631 -10.68 32.23 0.55
C ILE A 631 -9.87 33.19 -0.27
N LYS A 632 -8.88 33.83 0.34
CA LYS A 632 -8.02 34.77 -0.39
C LYS A 632 -7.49 34.06 -1.64
N SER A 633 -7.33 32.74 -1.54
CA SER A 633 -6.85 31.94 -2.65
C SER A 633 -7.93 31.91 -3.73
N SER A 634 -9.17 31.66 -3.36
CA SER A 634 -10.25 31.63 -4.34
C SER A 634 -10.58 33.03 -4.84
N LEU A 635 -10.13 34.05 -4.12
CA LEU A 635 -10.41 35.40 -4.52
C LEU A 635 -9.42 35.87 -5.59
N GLU A 636 -8.14 35.53 -5.43
CA GLU A 636 -7.11 35.92 -6.41
C GLU A 636 -7.54 35.38 -7.78
N ARG A 637 -7.85 34.10 -7.85
CA ARG A 637 -8.29 33.50 -9.09
C ARG A 637 -9.44 34.28 -9.70
N ALA A 638 -10.35 34.73 -8.85
CA ALA A 638 -11.51 35.48 -9.31
C ALA A 638 -11.08 36.83 -9.86
N ILE A 639 -10.47 37.63 -9.01
CA ILE A 639 -10.01 38.93 -9.43
C ILE A 639 -9.11 38.77 -10.66
N ALA A 640 -8.11 37.90 -10.57
CA ALA A 640 -7.20 37.69 -11.68
C ALA A 640 -7.90 37.37 -13.01
N ALA A 641 -8.90 36.50 -12.99
CA ALA A 641 -9.62 36.13 -14.22
C ALA A 641 -10.31 37.31 -14.88
N TYR A 642 -10.46 38.41 -14.13
CA TYR A 642 -11.07 39.64 -14.63
C TYR A 642 -10.04 40.70 -14.96
N THR A 643 -8.77 40.39 -14.76
CA THR A 643 -7.71 41.35 -15.08
C THR A 643 -6.60 40.71 -15.91
N PRO A 644 -6.94 40.14 -17.08
CA PRO A 644 -5.94 39.52 -17.93
C PRO A 644 -4.74 40.42 -18.25
N ARG A 645 -3.77 39.84 -18.97
CA ARG A 645 -2.54 40.52 -19.38
C ARG A 645 -2.81 41.82 -20.17
N GLU A 646 -2.67 42.95 -19.48
CA GLU A 646 -2.88 44.27 -20.06
C GLU A 646 -4.04 44.41 -21.09
N GLU A 647 -5.05 43.54 -21.06
CA GLU A 647 -6.16 43.69 -22.00
C GLU A 647 -6.97 44.91 -21.57
N LEU A 648 -6.64 46.07 -22.13
CA LEU A 648 -7.31 47.33 -21.81
C LEU A 648 -7.08 47.67 -20.33
N PRO A 649 -5.94 48.32 -20.01
CA PRO A 649 -5.49 48.73 -18.66
C PRO A 649 -6.61 48.80 -17.60
N GLU A 650 -7.11 50.00 -17.33
CA GLU A 650 -8.19 50.20 -16.34
C GLU A 650 -9.57 49.94 -16.95
N GLU A 651 -9.59 49.43 -18.19
CA GLU A 651 -10.83 49.14 -18.94
C GLU A 651 -11.22 47.66 -18.94
N TRP A 652 -10.93 46.99 -17.83
CA TRP A 652 -11.28 45.59 -17.65
C TRP A 652 -12.78 45.63 -17.42
N LYS A 653 -13.42 44.48 -17.42
CA LYS A 653 -14.84 44.50 -17.17
C LYS A 653 -15.08 44.63 -15.66
N LEU A 654 -14.49 45.68 -15.08
CA LEU A 654 -14.60 45.94 -13.65
C LEU A 654 -16.00 45.92 -13.10
N ASP A 655 -16.92 46.56 -13.79
CA ASP A 655 -18.29 46.59 -13.32
C ASP A 655 -18.81 45.15 -13.14
N GLY A 656 -18.30 44.22 -13.94
CA GLY A 656 -18.74 42.83 -13.84
C GLY A 656 -18.19 42.12 -12.62
N LEU A 657 -16.89 42.32 -12.38
CA LEU A 657 -16.19 41.73 -11.23
C LEU A 657 -16.97 42.03 -9.96
N VAL A 658 -17.32 43.29 -9.75
CA VAL A 658 -18.08 43.66 -8.57
C VAL A 658 -19.32 42.80 -8.44
N ASP A 659 -19.95 42.51 -9.57
CA ASP A 659 -21.14 41.71 -9.53
C ASP A 659 -20.85 40.27 -9.13
N LEU A 660 -19.60 39.85 -9.31
CA LEU A 660 -19.22 38.48 -8.98
C LEU A 660 -18.89 38.33 -7.50
N ILE A 661 -17.97 39.17 -7.03
CA ILE A 661 -17.56 39.16 -5.64
C ILE A 661 -18.75 39.32 -4.71
N ASN A 662 -19.73 40.13 -5.14
CA ASN A 662 -20.92 40.39 -4.35
C ASN A 662 -21.77 39.15 -4.15
N THR A 663 -22.15 38.52 -5.25
CA THR A 663 -23.00 37.33 -5.24
C THR A 663 -22.18 36.04 -5.18
N THR A 664 -21.06 36.06 -4.46
CA THR A 664 -20.21 34.88 -4.34
C THR A 664 -19.43 34.88 -3.02
N TYR A 665 -19.07 36.06 -2.53
CA TYR A 665 -18.33 36.19 -1.28
C TYR A 665 -19.07 37.07 -0.28
N LEU A 666 -19.43 38.27 -0.70
CA LEU A 666 -20.15 39.20 0.16
C LEU A 666 -21.65 39.11 -0.08
N ASP A 667 -22.32 40.26 -0.16
CA ASP A 667 -23.77 40.29 -0.33
C ASP A 667 -24.25 41.12 -1.52
N GLU A 668 -25.44 40.77 -2.05
CA GLU A 668 -26.06 41.45 -3.20
C GLU A 668 -25.63 42.89 -3.50
N GLY A 669 -25.49 43.72 -2.47
CA GLY A 669 -25.08 45.10 -2.69
C GLY A 669 -24.00 45.55 -1.74
N ALA A 670 -22.80 45.00 -1.91
CA ALA A 670 -21.70 45.36 -1.04
C ALA A 670 -20.59 46.11 -1.76
N LEU A 671 -19.80 45.39 -2.55
CA LEU A 671 -18.70 45.98 -3.28
C LEU A 671 -19.21 46.92 -4.38
N GLU A 672 -18.46 48.00 -4.63
CA GLU A 672 -18.80 48.99 -5.64
C GLU A 672 -17.66 49.21 -6.63
N LYS A 673 -18.02 49.56 -7.85
CA LYS A 673 -17.04 49.82 -8.91
C LYS A 673 -15.99 50.77 -8.36
N SER A 674 -16.48 51.80 -7.70
CA SER A 674 -15.66 52.85 -7.11
C SER A 674 -14.54 52.29 -6.24
N ASP A 675 -14.90 51.34 -5.38
CA ASP A 675 -13.94 50.72 -4.45
C ASP A 675 -12.76 50.05 -5.18
N ILE A 676 -12.95 49.74 -6.45
CA ILE A 676 -11.92 49.07 -7.24
C ILE A 676 -11.27 49.98 -8.28
N PHE A 677 -12.10 50.81 -8.90
CA PHE A 677 -11.66 51.73 -9.96
C PHE A 677 -10.34 52.46 -9.71
N GLY A 678 -9.31 52.01 -10.42
CA GLY A 678 -8.00 52.62 -10.32
C GLY A 678 -6.88 51.81 -9.70
N LYS A 679 -7.19 50.98 -8.72
CA LYS A 679 -6.15 50.20 -8.06
C LYS A 679 -5.76 48.97 -8.87
N GLU A 680 -4.48 48.61 -8.80
CA GLU A 680 -3.96 47.44 -9.53
C GLU A 680 -4.41 46.12 -8.88
N PRO A 681 -4.24 45.00 -9.58
CA PRO A 681 -4.64 43.69 -9.04
C PRO A 681 -4.14 43.44 -7.61
N ASP A 682 -2.94 43.90 -7.31
CA ASP A 682 -2.38 43.72 -5.97
C ASP A 682 -3.32 44.37 -4.97
N GLU A 683 -3.57 45.67 -5.14
CA GLU A 683 -4.45 46.41 -4.24
C GLU A 683 -5.84 45.81 -4.19
N MET A 684 -6.40 45.52 -5.34
CA MET A 684 -7.73 44.97 -5.37
C MET A 684 -7.86 43.75 -4.47
N LEU A 685 -7.07 42.71 -4.75
CA LEU A 685 -7.09 41.48 -3.97
C LEU A 685 -7.08 41.73 -2.48
N GLU A 686 -6.25 42.69 -2.06
CA GLU A 686 -6.13 43.03 -0.66
C GLU A 686 -7.39 43.70 -0.17
N LEU A 687 -7.89 44.63 -0.97
CA LEU A 687 -9.09 45.36 -0.62
C LEU A 687 -10.28 44.44 -0.49
N ILE A 688 -10.61 43.74 -1.57
CA ILE A 688 -11.75 42.84 -1.56
C ILE A 688 -11.68 41.89 -0.36
N MET A 689 -10.47 41.52 0.05
CA MET A 689 -10.26 40.60 1.18
C MET A 689 -10.59 41.30 2.50
N ASP A 690 -10.11 42.54 2.65
CA ASP A 690 -10.35 43.31 3.86
C ASP A 690 -11.82 43.39 4.28
N ARG A 691 -12.72 43.28 3.31
CA ARG A 691 -14.16 43.32 3.60
C ARG A 691 -14.65 41.90 3.79
N ILE A 692 -13.91 40.95 3.23
CA ILE A 692 -14.27 39.55 3.36
C ILE A 692 -13.95 39.15 4.79
N ILE A 693 -12.83 39.66 5.32
CA ILE A 693 -12.44 39.33 6.69
C ILE A 693 -13.29 40.08 7.70
N THR A 694 -13.35 41.39 7.56
CA THR A 694 -14.12 42.23 8.47
C THR A 694 -15.56 41.71 8.54
N LYS A 695 -15.96 41.00 7.48
CA LYS A 695 -17.27 40.39 7.41
C LYS A 695 -17.15 39.04 8.10
N TYR A 696 -16.08 38.32 7.78
CA TYR A 696 -15.87 37.02 8.39
C TYR A 696 -15.96 37.14 9.90
N ASN A 697 -15.53 38.28 10.43
CA ASN A 697 -15.56 38.52 11.86
C ASN A 697 -16.97 38.49 12.42
N GLU A 698 -17.89 39.12 11.72
CA GLU A 698 -19.29 39.14 12.16
C GLU A 698 -19.84 37.73 12.40
N LYS A 699 -19.26 36.75 11.72
CA LYS A 699 -19.70 35.37 11.86
C LYS A 699 -19.33 34.80 13.21
N GLU A 700 -18.08 35.05 13.64
CA GLU A 700 -17.59 34.60 14.94
C GLU A 700 -18.35 35.34 16.04
N GLU A 701 -18.65 36.60 15.77
CA GLU A 701 -19.37 37.46 16.71
C GLU A 701 -20.85 37.09 16.75
N GLN A 702 -21.45 36.86 15.59
CA GLN A 702 -22.87 36.54 15.52
C GLN A 702 -23.26 35.13 15.96
N PHE A 703 -23.08 34.17 15.07
CA PHE A 703 -23.49 32.80 15.32
C PHE A 703 -22.71 31.97 16.37
N GLY A 704 -21.45 32.31 16.62
CA GLY A 704 -20.68 31.56 17.62
C GLY A 704 -19.21 31.92 17.67
N LYS A 705 -18.68 32.10 18.88
CA LYS A 705 -17.27 32.47 19.08
C LYS A 705 -16.33 31.30 18.77
N GLU A 706 -16.76 30.10 19.12
CA GLU A 706 -15.96 28.89 18.90
C GLU A 706 -16.82 27.87 18.18
N GLN A 707 -18.12 28.16 18.03
CA GLN A 707 -19.02 27.25 17.32
C GLN A 707 -18.70 27.34 15.84
N MET A 708 -17.92 28.37 15.52
CA MET A 708 -17.45 28.66 14.17
C MET A 708 -16.62 27.49 13.69
N ARG A 709 -15.60 27.13 14.48
CA ARG A 709 -14.72 26.01 14.15
C ARG A 709 -15.54 24.81 13.68
N GLU A 710 -16.41 24.31 14.54
CA GLU A 710 -17.21 23.16 14.18
C GLU A 710 -17.99 23.49 12.90
N PHE A 711 -18.17 24.77 12.60
CA PHE A 711 -18.89 25.14 11.39
C PHE A 711 -17.97 25.01 10.16
N GLU A 712 -16.72 25.41 10.35
CA GLU A 712 -15.72 25.34 9.30
C GLU A 712 -15.37 23.90 8.98
N LYS A 713 -14.91 23.17 10.00
CA LYS A 713 -14.52 21.76 9.86
C LYS A 713 -15.50 20.89 9.07
N VAL A 714 -16.81 21.15 9.19
CA VAL A 714 -17.74 20.33 8.46
C VAL A 714 -17.75 20.60 6.98
N ILE A 715 -17.76 21.87 6.60
CA ILE A 715 -17.79 22.23 5.17
C ILE A 715 -16.47 21.91 4.47
N VAL A 716 -15.35 22.02 5.19
CA VAL A 716 -14.03 21.74 4.64
C VAL A 716 -13.80 20.24 4.54
N LEU A 717 -14.60 19.47 5.26
CA LEU A 717 -14.43 18.03 5.18
C LEU A 717 -15.40 17.47 4.15
N ARG A 718 -16.64 17.97 4.15
CA ARG A 718 -17.65 17.50 3.19
C ARG A 718 -17.31 18.03 1.81
N ALA A 719 -16.23 18.80 1.74
CA ALA A 719 -15.77 19.35 0.47
C ALA A 719 -14.57 18.51 0.07
N VAL A 720 -13.48 18.73 0.79
CA VAL A 720 -12.24 18.01 0.56
C VAL A 720 -12.45 16.53 0.40
N ASP A 721 -13.39 15.97 1.12
CA ASP A 721 -13.63 14.56 0.99
C ASP A 721 -14.46 14.27 -0.24
N SER A 722 -15.56 15.00 -0.41
CA SER A 722 -16.46 14.78 -1.56
C SER A 722 -15.75 14.75 -2.90
N LYS A 723 -14.86 15.71 -3.08
CA LYS A 723 -14.10 15.85 -4.31
C LYS A 723 -13.00 14.79 -4.40
N TRP A 724 -12.15 14.71 -3.38
CA TRP A 724 -11.09 13.73 -3.36
C TRP A 724 -11.56 12.32 -3.79
N MET A 725 -12.55 11.76 -3.10
CA MET A 725 -13.02 10.42 -3.45
C MET A 725 -13.36 10.39 -4.94
N ASP A 726 -13.97 11.46 -5.41
CA ASP A 726 -14.33 11.54 -6.82
C ASP A 726 -13.06 11.47 -7.68
N HIS A 727 -12.08 12.31 -7.36
CA HIS A 727 -10.81 12.37 -8.07
C HIS A 727 -10.03 11.07 -8.04
N ILE A 728 -9.98 10.46 -6.86
CA ILE A 728 -9.25 9.21 -6.71
C ILE A 728 -9.84 8.16 -7.65
N ASP A 729 -11.16 8.23 -7.87
CA ASP A 729 -11.77 7.26 -8.77
C ASP A 729 -11.42 7.61 -10.20
N ALA A 730 -11.45 8.91 -10.52
CA ALA A 730 -11.12 9.37 -11.87
C ALA A 730 -9.73 8.91 -12.28
N MET A 731 -8.79 8.99 -11.35
CA MET A 731 -7.42 8.56 -11.62
C MET A 731 -7.40 7.04 -11.81
N ASP A 732 -7.98 6.30 -10.87
CA ASP A 732 -8.04 4.82 -10.92
C ASP A 732 -8.95 4.39 -12.06
N GLN A 733 -9.29 5.34 -12.92
CA GLN A 733 -10.16 5.07 -14.04
C GLN A 733 -9.42 5.36 -15.32
N LEU A 734 -9.07 6.63 -15.52
CA LEU A 734 -8.36 6.99 -16.73
C LEU A 734 -7.03 6.28 -16.86
N ARG A 735 -6.52 5.70 -15.78
CA ARG A 735 -5.24 5.01 -15.89
C ARG A 735 -5.41 3.90 -16.93
N GLN A 736 -6.52 3.17 -16.84
CA GLN A 736 -6.78 2.06 -17.76
C GLN A 736 -7.30 2.55 -19.13
N GLY A 737 -7.94 3.72 -19.13
CA GLY A 737 -8.47 4.29 -20.36
C GLY A 737 -7.38 4.55 -21.38
N ILE A 738 -6.40 5.36 -20.99
CA ILE A 738 -5.25 5.68 -21.83
C ILE A 738 -4.59 4.43 -22.45
N HIS A 739 -4.44 3.37 -21.64
CA HIS A 739 -3.80 2.12 -22.07
C HIS A 739 -4.19 1.69 -23.48
N LEU A 740 -5.40 2.06 -23.92
CA LEU A 740 -5.87 1.70 -25.26
C LEU A 740 -5.54 2.78 -26.30
N ARG A 741 -6.53 3.61 -26.68
CA ARG A 741 -6.29 4.66 -27.68
C ARG A 741 -5.15 5.57 -27.19
N ALA A 742 -3.98 5.34 -27.76
CA ALA A 742 -2.78 6.09 -27.38
C ALA A 742 -1.63 5.94 -28.37
N TYR A 743 -1.68 6.73 -29.44
CA TYR A 743 -0.62 6.74 -30.44
C TYR A 743 0.07 8.13 -30.42
N ALA A 744 -0.12 8.87 -29.33
CA ALA A 744 0.49 10.19 -29.13
C ALA A 744 2.01 10.06 -29.14
N GLN A 745 2.71 11.17 -29.38
CA GLN A 745 4.18 11.14 -29.42
C GLN A 745 4.79 10.65 -28.09
N THR A 746 4.18 11.08 -26.98
CA THR A 746 4.67 10.70 -25.67
C THR A 746 4.12 9.36 -25.24
N ASN A 747 4.71 8.81 -24.18
CA ASN A 747 4.29 7.53 -23.64
C ASN A 747 3.10 7.74 -22.69
N PRO A 748 2.27 6.70 -22.49
CA PRO A 748 1.10 6.78 -21.62
C PRO A 748 1.37 7.23 -20.18
N LEU A 749 2.40 6.67 -19.57
CA LEU A 749 2.73 7.04 -18.22
C LEU A 749 2.88 8.56 -18.12
N ARG A 750 3.45 9.18 -19.15
CA ARG A 750 3.63 10.63 -19.16
C ARG A 750 2.28 11.34 -19.15
N GLU A 751 1.43 11.00 -20.10
CA GLU A 751 0.11 11.61 -20.17
C GLU A 751 -0.57 11.52 -18.82
N TYR A 752 -0.49 10.37 -18.19
CA TYR A 752 -1.11 10.22 -16.88
C TYR A 752 -0.59 11.38 -16.04
N GLN A 753 0.72 11.46 -15.89
CA GLN A 753 1.31 12.54 -15.10
C GLN A 753 0.68 13.85 -15.53
N MET A 754 0.87 14.17 -16.80
CA MET A 754 0.37 15.40 -17.41
C MET A 754 -1.05 15.72 -17.03
N GLU A 755 -1.97 15.00 -17.65
CA GLU A 755 -3.37 15.23 -17.38
C GLU A 755 -3.69 15.06 -15.91
N GLY A 756 -3.12 14.07 -15.26
CA GLY A 756 -3.41 13.89 -13.84
C GLY A 756 -3.20 15.17 -13.04
N PHE A 757 -1.97 15.69 -13.02
CA PHE A 757 -1.64 16.89 -12.28
C PHE A 757 -2.58 18.05 -12.54
N ALA A 758 -3.08 18.10 -13.77
CA ALA A 758 -4.02 19.14 -14.18
C ALA A 758 -5.31 18.91 -13.41
N MET A 759 -5.79 17.68 -13.44
CA MET A 759 -6.99 17.33 -12.73
C MET A 759 -6.81 17.70 -11.27
N PHE A 760 -5.74 17.22 -10.67
CA PHE A 760 -5.47 17.53 -9.29
C PHE A 760 -5.59 19.02 -9.07
N GLU A 761 -5.15 19.82 -10.03
CA GLU A 761 -5.26 21.25 -9.84
C GLU A 761 -6.70 21.76 -9.88
N HIS A 762 -7.56 21.19 -10.74
CA HIS A 762 -8.94 21.66 -10.78
C HIS A 762 -9.69 21.37 -9.46
N MET A 763 -9.36 20.23 -8.82
CA MET A 763 -10.00 19.84 -7.56
C MET A 763 -9.62 20.78 -6.43
N ILE A 764 -8.33 21.07 -6.34
CA ILE A 764 -7.86 21.97 -5.31
C ILE A 764 -8.57 23.32 -5.42
N GLU A 765 -8.55 23.91 -6.61
CA GLU A 765 -9.19 25.19 -6.84
C GLU A 765 -10.68 25.07 -6.50
N SER A 766 -11.27 23.92 -6.81
CA SER A 766 -12.69 23.69 -6.52
C SER A 766 -12.92 23.62 -5.02
N ILE A 767 -12.06 22.86 -4.35
CA ILE A 767 -12.15 22.71 -2.91
C ILE A 767 -12.20 24.09 -2.29
N GLU A 768 -11.26 24.93 -2.67
CA GLU A 768 -11.18 26.29 -2.15
C GLU A 768 -12.44 27.10 -2.48
N ASP A 769 -12.77 27.18 -3.76
CA ASP A 769 -13.95 27.92 -4.18
C ASP A 769 -15.17 27.55 -3.35
N GLU A 770 -15.51 26.26 -3.29
CA GLU A 770 -16.66 25.81 -2.50
C GLU A 770 -16.51 26.24 -1.04
N VAL A 771 -15.37 25.94 -0.44
CA VAL A 771 -15.16 26.30 0.94
C VAL A 771 -15.43 27.78 1.12
N ALA A 772 -14.72 28.63 0.38
CA ALA A 772 -14.88 30.08 0.48
C ALA A 772 -16.32 30.56 0.42
N LYS A 773 -17.15 29.87 -0.36
CA LYS A 773 -18.54 30.27 -0.51
C LYS A 773 -19.36 29.93 0.73
N PHE A 774 -19.45 28.64 1.06
CA PHE A 774 -20.24 28.26 2.22
C PHE A 774 -19.88 29.00 3.50
N VAL A 775 -18.60 29.09 3.82
CA VAL A 775 -18.23 29.80 5.04
C VAL A 775 -18.91 31.17 5.08
N MET A 776 -19.37 31.66 3.94
CA MET A 776 -20.01 32.97 3.93
C MET A 776 -21.53 32.90 3.79
N LYS A 777 -21.98 32.56 2.59
CA LYS A 777 -23.40 32.49 2.32
C LYS A 777 -24.19 31.37 3.00
N ALA A 778 -23.53 30.50 3.77
CA ALA A 778 -24.27 29.44 4.44
C ALA A 778 -24.47 29.76 5.92
N GLU A 779 -25.72 29.89 6.32
CA GLU A 779 -26.09 30.21 7.70
C GLU A 779 -26.37 28.92 8.47
N ILE A 780 -25.94 28.88 9.73
CA ILE A 780 -26.11 27.70 10.57
C ILE A 780 -27.55 27.46 11.06
N GLU A 781 -27.94 26.19 11.16
CA GLU A 781 -29.27 25.81 11.66
C GLU A 781 -29.05 25.01 12.96
N ASN A 782 -29.56 23.79 13.03
CA ASN A 782 -29.42 22.95 14.24
C ASN A 782 -28.26 21.94 14.20
N ASN A 783 -28.44 20.88 13.41
CA ASN A 783 -27.45 19.80 13.24
C ASN A 783 -26.10 20.33 12.72
N LEU A 784 -25.11 20.35 13.60
CA LEU A 784 -23.78 20.85 13.25
C LEU A 784 -22.73 19.78 13.48
N GLU A 785 -22.99 18.60 12.93
CA GLU A 785 -22.11 17.44 13.05
C GLU A 785 -21.44 17.13 11.72
N ARG A 786 -20.15 16.79 11.79
CA ARG A 786 -19.38 16.44 10.62
C ARG A 786 -20.07 15.21 10.06
N GLU A 787 -20.60 15.30 8.85
CA GLU A 787 -21.31 14.20 8.22
C GLU A 787 -20.46 13.42 7.22
N GLU A 788 -20.60 12.09 7.25
CA GLU A 788 -19.84 11.19 6.38
C GLU A 788 -20.00 11.55 4.92
N VAL A 789 -19.26 10.89 4.05
CA VAL A 789 -19.37 11.21 2.64
C VAL A 789 -19.54 9.98 1.76
N VAL A 790 -20.04 8.91 2.35
CA VAL A 790 -20.27 7.68 1.61
C VAL A 790 -21.34 6.81 2.29
N GLN A 791 -22.24 6.26 1.47
CA GLN A 791 -23.33 5.42 1.99
C GLN A 791 -22.96 4.01 2.45
N GLY A 792 -23.24 3.74 3.73
CA GLY A 792 -23.00 2.43 4.32
C GLY A 792 -21.75 1.63 3.99
N GLN A 793 -21.98 0.38 3.55
CA GLN A 793 -20.93 -0.60 3.19
C GLN A 793 -19.74 -0.13 2.37
N THR A 794 -18.55 -0.33 2.92
CA THR A 794 -17.31 0.03 2.24
C THR A 794 -16.42 -1.17 2.40
N THR A 795 -15.79 -1.61 1.32
CA THR A 795 -14.96 -2.79 1.40
C THR A 795 -13.46 -2.54 1.28
N ALA A 796 -12.70 -3.45 1.87
CA ALA A 796 -11.24 -3.37 1.83
C ALA A 796 -10.79 -4.60 1.03
N HIS A 797 -9.90 -4.41 0.07
CA HIS A 797 -9.44 -5.53 -0.75
C HIS A 797 -8.23 -5.21 -1.65
N GLN A 798 -7.54 -6.27 -2.06
CA GLN A 798 -6.40 -6.10 -2.96
C GLN A 798 -6.61 -7.02 -4.19
N PRO A 799 -6.61 -6.45 -5.41
CA PRO A 799 -6.79 -7.22 -6.63
C PRO A 799 -5.95 -8.48 -6.71
N GLN A 800 -6.55 -9.56 -7.22
CA GLN A 800 -5.88 -10.86 -7.37
C GLN A 800 -4.64 -10.67 -8.25
N GLU A 801 -4.87 -10.07 -9.41
CA GLU A 801 -3.83 -9.76 -10.39
C GLU A 801 -4.43 -8.97 -11.54
N GLY A 802 -3.62 -8.05 -12.08
CA GLY A 802 -4.05 -7.20 -13.18
C GLY A 802 -3.38 -5.83 -13.10
S SO4 B . 13.95 -19.52 10.75
O1 SO4 B . 15.06 -19.27 9.81
O2 SO4 B . 13.96 -20.96 11.14
O3 SO4 B . 12.67 -19.21 10.08
O4 SO4 B . 14.13 -18.67 11.94
S SO4 C . 12.28 -18.42 5.58
O1 SO4 C . 13.22 -17.81 4.63
O2 SO4 C . 12.95 -18.62 6.87
O3 SO4 C . 11.82 -19.72 5.08
O4 SO4 C . 11.13 -17.52 5.76
S SO4 D . 14.68 7.04 17.68
O1 SO4 D . 13.86 7.26 16.47
O2 SO4 D . 15.93 6.38 17.29
O3 SO4 D . 13.93 6.19 18.64
O4 SO4 D . 14.98 8.34 18.30
S SO4 E . -4.84 -14.47 7.73
O1 SO4 E . -5.31 -15.38 6.67
O2 SO4 E . -5.93 -13.56 8.13
O3 SO4 E . -3.69 -13.69 7.22
O4 SO4 E . -4.41 -15.27 8.90
S SO4 F . 10.70 5.12 -7.52
O1 SO4 F . 10.19 5.34 -8.89
O2 SO4 F . 9.65 5.41 -6.54
O3 SO4 F . 11.87 6.01 -7.27
O4 SO4 F . 11.12 3.70 -7.37
S SO4 G . 11.02 -40.64 -19.79
O1 SO4 G . 12.50 -40.56 -19.86
O2 SO4 G . 10.46 -40.66 -21.14
O3 SO4 G . 10.51 -39.46 -19.08
O4 SO4 G . 10.61 -41.87 -19.08
S SO4 H . -15.74 -1.46 15.61
O1 SO4 H . -14.40 -1.75 15.09
O2 SO4 H . -15.67 -1.03 17.00
O3 SO4 H . -16.57 -2.69 15.51
O4 SO4 H . -16.34 -0.38 14.80
S SO4 I . -14.52 7.18 -21.74
O1 SO4 I . -14.34 8.62 -21.47
O2 SO4 I . -15.95 6.90 -22.00
O3 SO4 I . -13.71 6.79 -22.92
O4 SO4 I . -14.08 6.41 -20.57
S SO4 J . 15.62 5.75 -12.38
O1 SO4 J . 15.32 6.33 -11.06
O2 SO4 J . 14.38 5.37 -13.07
O3 SO4 J . 16.32 6.77 -13.22
O4 SO4 J . 16.48 4.56 -12.21
S SO4 K . 26.53 0.42 12.83
O1 SO4 K . 25.37 1.32 12.92
O2 SO4 K . 26.07 -0.94 12.52
O3 SO4 K . 27.44 0.89 11.77
O4 SO4 K . 27.24 0.42 14.13
S SO4 L . -11.40 18.84 17.11
O1 SO4 L . -12.60 19.08 17.94
O2 SO4 L . -11.75 18.02 15.95
O3 SO4 L . -10.87 20.15 16.67
O4 SO4 L . -10.38 18.15 17.92
#